data_1UD1
#
_entry.id   1UD1
#
_cell.length_a   114.34
_cell.length_b   114.34
_cell.length_c   145.796
_cell.angle_alpha   90
_cell.angle_beta   90
_cell.angle_gamma   90
#
_symmetry.space_group_name_H-M   'P 41'
#
_entity_poly.entity_id   1
_entity_poly.type   'polypeptide(L)'
_entity_poly.pdbx_seq_one_letter_code
;FSSREQPQQNECQIQKLNALKPDNRIESEGGLIETWNPNNKPFQCAGVALSRCTLNRNALRRPSYTNGPQEIYIQQGKGI
FGMIYPGSPSTFEEPQQPQQRGQSSRPQDRHQKIYNFREGDLIAVPTGVAWWMYNNEDTPVVAVSIIDTNSLENQLDQMP
RRFYLAGNQEQEFLKYQQEQGGHQSQKGKHQQEEENEGGSILSGFTLEFLEHAFSVDKQIAKNLQGENEGEDKGAIVTVK
GGLSVIKPPTDEQQQRPQEEEEEEEDEKPQCKGKDKHCQRPRGSQSKSRRNGIDETICTMRLRHNIGQTSSPDIYNPQAG
SVTTATSLDFPALSWLRLSAEFGSLRKNAMFVPHYNLNANSIIYALNGRALIQVVNCNGERVFDGELQEGRVLIVPQNFV
VAARSQSDNFEYVSFKTNDTPMIGTLAGANSLLNALPEEVIQHTFNLKSQQARQIKNNNPFKFLVPPQESQKRAVA
;
_entity_poly.pdbx_strand_id   A,B,C
#
# COMPACT_ATOMS: atom_id res chain seq x y z
N ASN A 10 -19.33 -3.40 0.86
CA ASN A 10 -18.27 -3.64 -0.10
C ASN A 10 -18.37 -2.64 -1.22
N GLU A 11 -17.42 -1.73 -1.16
CA GLU A 11 -17.32 -0.64 -2.13
C GLU A 11 -17.43 -1.03 -3.60
N CYS A 12 -16.85 -2.15 -4.07
CA CYS A 12 -16.94 -2.51 -5.47
C CYS A 12 -18.03 -3.51 -5.80
N GLN A 13 -19.01 -3.67 -4.91
CA GLN A 13 -20.10 -4.55 -5.22
C GLN A 13 -21.13 -3.69 -5.95
N ILE A 14 -20.83 -3.67 -7.25
CA ILE A 14 -21.64 -2.93 -8.17
C ILE A 14 -22.66 -3.79 -8.89
N GLN A 15 -23.82 -3.26 -8.54
CA GLN A 15 -25.12 -3.70 -8.95
C GLN A 15 -25.36 -3.29 -10.40
N LYS A 16 -25.27 -1.98 -10.62
CA LYS A 16 -25.48 -1.32 -11.89
C LYS A 16 -24.60 -0.09 -11.99
N LEU A 17 -23.98 0.02 -13.15
CA LEU A 17 -23.13 1.15 -13.45
C LEU A 17 -24.01 2.04 -14.32
N ASN A 18 -23.74 3.36 -14.32
CA ASN A 18 -24.49 4.32 -15.11
C ASN A 18 -23.47 5.22 -15.75
N ALA A 19 -23.75 5.79 -16.92
CA ALA A 19 -22.79 6.66 -17.55
C ALA A 19 -22.95 7.97 -16.79
N LEU A 20 -22.03 8.20 -15.84
CA LEU A 20 -21.99 9.36 -14.99
C LEU A 20 -21.62 10.66 -15.65
N LYS A 21 -22.09 11.74 -15.02
CA LYS A 21 -21.83 13.09 -15.46
C LYS A 21 -21.70 14.06 -14.28
N PRO A 22 -21.12 15.28 -14.38
CA PRO A 22 -20.80 16.10 -13.22
C PRO A 22 -22.02 16.65 -12.53
N ASP A 23 -21.86 16.72 -11.22
CA ASP A 23 -22.92 17.23 -10.37
C ASP A 23 -22.41 18.49 -9.70
N ASN A 24 -21.42 19.19 -10.32
CA ASN A 24 -20.88 20.40 -9.74
C ASN A 24 -20.27 21.37 -10.74
N ARG A 25 -20.96 22.46 -11.05
CA ARG A 25 -20.46 23.46 -11.99
C ARG A 25 -19.87 24.61 -11.23
N ILE A 26 -18.68 25.06 -11.57
CA ILE A 26 -18.11 26.18 -10.86
C ILE A 26 -17.71 27.14 -11.94
N GLU A 27 -18.57 28.13 -12.22
CA GLU A 27 -18.25 29.14 -13.22
C GLU A 27 -17.31 30.18 -12.63
N SER A 28 -16.18 30.35 -13.30
CA SER A 28 -15.20 31.32 -12.84
C SER A 28 -15.13 32.43 -13.87
N GLU A 29 -14.29 33.44 -13.60
CA GLU A 29 -14.11 34.59 -14.48
C GLU A 29 -13.74 34.24 -15.90
N GLY A 30 -12.61 33.57 -16.16
CA GLY A 30 -12.19 33.20 -17.49
C GLY A 30 -12.36 31.72 -17.79
N GLY A 31 -13.10 30.98 -16.96
CA GLY A 31 -13.25 29.57 -17.24
C GLY A 31 -14.31 28.89 -16.42
N LEU A 32 -14.21 27.57 -16.34
CA LEU A 32 -15.18 26.74 -15.63
C LEU A 32 -14.56 25.47 -15.09
N ILE A 33 -15.10 24.97 -13.99
CA ILE A 33 -14.62 23.77 -13.39
C ILE A 33 -15.86 22.95 -13.05
N GLU A 34 -15.85 21.70 -13.53
CA GLU A 34 -16.93 20.76 -13.29
C GLU A 34 -16.30 19.58 -12.60
N THR A 35 -17.03 18.92 -11.72
CA THR A 35 -16.46 17.77 -11.05
C THR A 35 -17.56 16.77 -10.89
N TRP A 36 -17.11 15.52 -10.74
CA TRP A 36 -18.01 14.39 -10.56
C TRP A 36 -17.96 13.98 -9.09
N ASN A 37 -19.10 13.61 -8.49
CA ASN A 37 -19.16 13.22 -7.09
C ASN A 37 -18.31 12.02 -6.73
N PRO A 38 -17.26 12.19 -5.93
CA PRO A 38 -16.33 11.14 -5.55
C PRO A 38 -16.94 10.13 -4.61
N ASN A 39 -18.12 10.44 -4.10
CA ASN A 39 -18.80 9.55 -3.19
C ASN A 39 -19.83 8.64 -3.79
N ASN A 40 -19.87 8.44 -5.10
CA ASN A 40 -20.80 7.49 -5.69
C ASN A 40 -20.15 6.10 -5.55
N LYS A 41 -20.83 4.96 -5.61
CA LYS A 41 -20.12 3.68 -5.51
C LYS A 41 -19.11 3.42 -6.64
N PRO A 42 -19.26 3.83 -7.94
CA PRO A 42 -18.28 3.68 -9.00
C PRO A 42 -16.92 4.30 -8.76
N PHE A 43 -16.96 5.54 -8.28
CA PHE A 43 -15.78 6.30 -7.97
C PHE A 43 -15.24 5.86 -6.65
N GLN A 44 -16.02 5.42 -5.66
CA GLN A 44 -15.46 4.96 -4.39
C GLN A 44 -14.75 3.65 -4.67
N CYS A 45 -15.33 2.83 -5.55
CA CYS A 45 -14.78 1.54 -5.94
C CYS A 45 -13.52 1.79 -6.71
N ALA A 46 -13.57 2.67 -7.72
CA ALA A 46 -12.41 2.96 -8.50
C ALA A 46 -11.31 3.54 -7.65
N GLY A 47 -11.64 4.56 -6.88
CA GLY A 47 -10.69 5.22 -5.99
C GLY A 47 -10.06 6.46 -6.61
N VAL A 48 -10.81 7.15 -7.47
CA VAL A 48 -10.33 8.34 -8.14
C VAL A 48 -11.30 9.50 -7.98
N ALA A 49 -10.93 10.65 -8.53
CA ALA A 49 -11.78 11.81 -8.49
C ALA A 49 -11.70 12.45 -9.87
N LEU A 50 -12.75 12.31 -10.70
CA LEU A 50 -12.73 12.92 -12.01
C LEU A 50 -13.10 14.39 -11.89
N SER A 51 -12.68 15.18 -12.85
CA SER A 51 -12.94 16.61 -12.90
C SER A 51 -12.71 17.08 -14.31
N ARG A 52 -13.33 18.19 -14.73
CA ARG A 52 -13.14 18.71 -16.07
C ARG A 52 -13.17 20.24 -16.03
N CYS A 53 -11.97 20.83 -16.18
CA CYS A 53 -11.76 22.27 -16.17
C CYS A 53 -11.65 22.83 -17.58
N THR A 54 -12.38 23.88 -17.99
CA THR A 54 -12.20 24.41 -19.33
C THR A 54 -11.76 25.85 -19.08
N LEU A 55 -10.70 26.33 -19.74
CA LEU A 55 -10.19 27.70 -19.59
C LEU A 55 -10.43 28.37 -20.92
N ASN A 56 -10.98 29.60 -21.01
CA ASN A 56 -11.20 30.24 -22.32
C ASN A 56 -10.03 31.15 -22.70
N ARG A 57 -10.17 32.09 -23.66
CA ARG A 57 -9.05 32.96 -24.02
C ARG A 57 -8.56 33.84 -22.89
N ASN A 58 -7.22 33.90 -22.84
CA ASN A 58 -6.48 34.64 -21.84
C ASN A 58 -6.83 34.18 -20.42
N ALA A 59 -7.16 32.90 -20.24
CA ALA A 59 -7.48 32.43 -18.91
C ALA A 59 -6.27 31.71 -18.34
N LEU A 60 -6.12 31.95 -17.04
CA LEU A 60 -5.05 31.42 -16.21
C LEU A 60 -5.69 30.63 -15.09
N ARG A 61 -5.10 29.47 -14.84
CA ARG A 61 -5.60 28.64 -13.78
C ARG A 61 -4.56 28.88 -12.70
N ARG A 62 -4.95 29.63 -11.68
CA ARG A 62 -4.07 29.97 -10.56
C ARG A 62 -3.42 28.76 -9.92
N PRO A 63 -2.14 28.83 -9.48
CA PRO A 63 -1.31 27.74 -8.99
C PRO A 63 -1.97 26.91 -7.89
N SER A 64 -1.89 25.57 -7.98
CA SER A 64 -2.49 24.67 -7.00
C SER A 64 -1.85 23.30 -6.99
N TYR A 65 -2.26 22.54 -5.97
CA TYR A 65 -1.72 21.20 -5.82
C TYR A 65 -2.67 20.28 -5.06
N THR A 66 -2.59 18.94 -5.23
CA THR A 66 -3.44 17.98 -4.52
C THR A 66 -2.54 16.98 -3.86
N ASN A 67 -3.13 16.28 -2.90
CA ASN A 67 -2.47 15.28 -2.11
C ASN A 67 -2.49 13.91 -2.74
N GLY A 68 -2.41 13.81 -4.07
CA GLY A 68 -2.44 12.51 -4.74
C GLY A 68 -1.81 12.59 -6.12
N PRO A 69 -1.47 11.50 -6.83
CA PRO A 69 -1.15 11.48 -8.26
C PRO A 69 -2.24 12.02 -9.17
N GLN A 70 -1.91 12.96 -10.02
CA GLN A 70 -2.90 13.52 -10.91
C GLN A 70 -2.43 13.29 -12.32
N GLU A 71 -3.37 13.01 -13.22
CA GLU A 71 -3.10 12.75 -14.63
C GLU A 71 -4.07 13.58 -15.46
N ILE A 72 -3.58 14.57 -16.21
CA ILE A 72 -4.44 15.45 -16.98
C ILE A 72 -4.44 15.14 -18.45
N TYR A 73 -5.58 14.83 -19.06
CA TYR A 73 -5.64 14.59 -20.49
C TYR A 73 -6.18 15.84 -21.20
N ILE A 74 -5.63 16.33 -22.31
CA ILE A 74 -6.20 17.52 -22.95
C ILE A 74 -7.16 17.18 -24.11
N GLN A 75 -8.45 17.35 -23.84
CA GLN A 75 -9.51 17.08 -24.81
C GLN A 75 -9.40 17.99 -26.01
N GLN A 76 -9.23 19.29 -25.78
CA GLN A 76 -9.10 20.24 -26.87
C GLN A 76 -8.40 21.50 -26.44
N GLY A 77 -7.88 22.20 -27.46
CA GLY A 77 -7.16 23.43 -27.26
C GLY A 77 -5.65 23.23 -27.12
N LYS A 78 -5.01 24.41 -27.05
CA LYS A 78 -3.58 24.58 -26.92
C LYS A 78 -3.34 25.69 -25.92
N GLY A 79 -2.27 25.52 -25.17
CA GLY A 79 -1.87 26.50 -24.17
C GLY A 79 -0.52 26.11 -23.59
N ILE A 80 -0.26 26.58 -22.38
CA ILE A 80 0.97 26.27 -21.70
C ILE A 80 0.62 25.90 -20.29
N PHE A 81 1.55 25.19 -19.65
CA PHE A 81 1.34 24.79 -18.28
C PHE A 81 2.73 24.79 -17.64
N GLY A 82 2.85 25.30 -16.42
CA GLY A 82 4.15 25.31 -15.78
C GLY A 82 4.08 24.56 -14.48
N MET A 83 5.19 23.90 -14.11
CA MET A 83 5.31 23.13 -12.87
C MET A 83 6.22 23.90 -11.95
N ILE A 84 6.03 23.74 -10.64
CA ILE A 84 6.86 24.40 -9.64
C ILE A 84 7.34 23.27 -8.75
N TYR A 85 8.37 22.62 -9.24
CA TYR A 85 8.92 21.51 -8.50
C TYR A 85 9.81 22.01 -7.37
N PRO A 86 9.66 21.46 -6.14
CA PRO A 86 10.58 21.61 -5.00
C PRO A 86 12.07 21.46 -5.29
N ARG A 110 15.35 33.67 -12.59
CA ARG A 110 14.07 34.10 -13.10
C ARG A 110 12.94 33.13 -12.69
N HIS A 111 12.72 32.04 -13.45
CA HIS A 111 11.66 31.10 -13.14
C HIS A 111 11.86 29.62 -13.53
N GLN A 112 10.88 28.73 -13.22
CA GLN A 112 10.97 27.32 -13.57
C GLN A 112 10.46 27.02 -14.99
N LYS A 113 10.56 25.73 -15.36
CA LYS A 113 10.18 25.24 -16.68
C LYS A 113 8.69 25.04 -17.02
N ILE A 114 8.41 25.78 -18.11
CA ILE A 114 7.11 25.85 -18.75
C ILE A 114 7.04 25.00 -20.02
N TYR A 115 6.00 24.20 -20.12
CA TYR A 115 5.82 23.34 -21.28
C TYR A 115 4.61 23.79 -22.10
N ASN A 116 4.64 23.70 -23.43
CA ASN A 116 3.48 24.07 -24.22
C ASN A 116 2.70 22.77 -24.41
N PHE A 117 1.39 22.83 -24.64
CA PHE A 117 0.65 21.60 -24.89
C PHE A 117 -0.35 21.82 -26.01
N ARG A 118 -0.84 20.69 -26.51
CA ARG A 118 -1.79 20.68 -27.59
C ARG A 118 -2.78 19.60 -27.21
N GLU A 119 -3.80 19.40 -28.06
CA GLU A 119 -4.82 18.39 -27.83
C GLU A 119 -4.13 17.04 -27.85
N GLY A 120 -4.56 16.10 -27.00
CA GLY A 120 -3.97 14.77 -26.94
C GLY A 120 -2.78 14.66 -26.02
N ASP A 121 -2.38 15.74 -25.38
CA ASP A 121 -1.28 15.68 -24.46
C ASP A 121 -1.76 15.19 -23.12
N LEU A 122 -0.98 14.24 -22.60
CA LEU A 122 -1.21 13.61 -21.32
C LEU A 122 -0.11 14.14 -20.42
N ILE A 123 -0.46 14.95 -19.44
CA ILE A 123 0.48 15.56 -18.50
C ILE A 123 0.52 14.74 -17.22
N ALA A 124 1.71 14.33 -16.77
CA ALA A 124 1.82 13.57 -15.55
C ALA A 124 2.09 14.54 -14.43
N VAL A 125 1.24 14.70 -13.41
CA VAL A 125 1.52 15.65 -12.32
C VAL A 125 1.86 14.85 -11.06
N PRO A 126 3.14 14.61 -10.69
CA PRO A 126 3.60 13.93 -9.47
C PRO A 126 2.97 14.49 -8.21
N THR A 127 2.62 13.67 -7.22
CA THR A 127 2.00 14.11 -5.96
C THR A 127 2.58 15.35 -5.30
N GLY A 128 1.68 16.29 -5.01
CA GLY A 128 2.00 17.55 -4.35
C GLY A 128 2.66 18.64 -5.16
N VAL A 129 3.10 18.38 -6.40
CA VAL A 129 3.73 19.39 -7.24
C VAL A 129 2.72 20.47 -7.59
N ALA A 130 3.02 21.76 -7.38
CA ALA A 130 2.06 22.82 -7.74
C ALA A 130 2.18 23.16 -9.22
N TRP A 131 1.06 23.49 -9.87
CA TRP A 131 1.11 23.83 -11.28
C TRP A 131 0.04 24.86 -11.60
N TRP A 132 0.19 25.50 -12.75
CA TRP A 132 -0.77 26.47 -13.25
C TRP A 132 -0.88 26.22 -14.74
N MET A 133 -2.00 26.64 -15.36
CA MET A 133 -2.22 26.47 -16.80
C MET A 133 -2.68 27.78 -17.45
N TYR A 134 -2.34 28.05 -18.71
CA TYR A 134 -2.76 29.27 -19.38
C TYR A 134 -3.21 28.91 -20.78
N ASN A 135 -4.17 29.69 -21.31
CA ASN A 135 -4.70 29.50 -22.68
C ASN A 135 -4.70 30.86 -23.34
N ASN A 136 -4.34 30.93 -24.62
CA ASN A 136 -4.33 32.22 -25.28
C ASN A 136 -5.09 32.23 -26.61
N GLU A 137 -5.72 31.13 -27.03
CA GLU A 137 -6.46 31.11 -28.28
C GLU A 137 -7.95 31.27 -28.05
N ASP A 138 -8.78 31.36 -29.08
CA ASP A 138 -10.23 31.50 -28.88
C ASP A 138 -10.82 30.16 -28.44
N THR A 139 -10.29 29.09 -29.07
CA THR A 139 -10.66 27.70 -28.80
C THR A 139 -10.30 27.38 -27.37
N PRO A 140 -11.25 27.16 -26.45
CA PRO A 140 -10.97 26.85 -25.05
C PRO A 140 -10.23 25.54 -24.83
N VAL A 141 -9.43 25.51 -23.78
CA VAL A 141 -8.71 24.30 -23.44
C VAL A 141 -9.70 23.55 -22.59
N VAL A 142 -9.91 22.27 -22.87
CA VAL A 142 -10.80 21.43 -22.11
C VAL A 142 -9.82 20.33 -21.70
N ALA A 143 -9.50 20.36 -20.42
CA ALA A 143 -8.60 19.41 -19.82
C ALA A 143 -9.37 18.55 -18.83
N VAL A 144 -9.64 17.27 -19.13
CA VAL A 144 -10.34 16.41 -18.19
C VAL A 144 -9.25 15.68 -17.41
N SER A 145 -9.35 15.48 -16.10
CA SER A 145 -8.27 14.83 -15.36
C SER A 145 -8.64 13.96 -14.18
N ILE A 146 -7.70 13.15 -13.63
CA ILE A 146 -7.99 12.33 -12.46
C ILE A 146 -6.96 12.44 -11.33
N ILE A 147 -7.45 12.47 -10.09
CA ILE A 147 -6.64 12.55 -8.90
C ILE A 147 -6.89 11.19 -8.28
N ASP A 148 -5.86 10.37 -8.15
CA ASP A 148 -6.02 9.06 -7.59
C ASP A 148 -5.94 9.15 -6.06
N THR A 149 -7.10 9.23 -5.40
CA THR A 149 -7.16 9.35 -3.95
C THR A 149 -6.94 8.02 -3.25
N ASN A 150 -6.66 6.96 -3.98
CA ASN A 150 -6.42 5.69 -3.36
C ASN A 150 -4.97 5.31 -3.51
N SER A 151 -4.13 6.34 -3.67
CA SER A 151 -2.73 6.15 -3.85
C SER A 151 -1.96 6.06 -2.56
N LEU A 152 -0.86 5.33 -2.73
CA LEU A 152 0.07 5.09 -1.65
C LEU A 152 0.70 6.39 -1.20
N GLU A 153 0.77 7.35 -2.12
CA GLU A 153 1.32 8.69 -1.95
C GLU A 153 0.42 9.63 -1.18
N ASN A 154 -0.86 9.25 -1.16
CA ASN A 154 -1.91 9.99 -0.49
C ASN A 154 -1.99 9.45 0.92
N GLN A 155 -1.47 10.26 1.84
CA GLN A 155 -1.44 9.95 3.30
C GLN A 155 -2.55 10.58 4.16
N LEU A 156 -3.44 11.33 3.51
CA LEU A 156 -4.55 11.97 4.20
C LEU A 156 -5.71 10.98 4.28
N ASP A 157 -6.84 11.17 3.57
CA ASP A 157 -7.98 10.26 3.58
C ASP A 157 -8.50 10.15 2.15
N GLN A 158 -9.61 9.43 1.94
CA GLN A 158 -10.13 9.29 0.59
C GLN A 158 -10.80 10.54 0.02
N MET A 159 -11.01 11.61 0.81
CA MET A 159 -11.65 12.85 0.36
C MET A 159 -10.73 13.64 -0.57
N PRO A 160 -11.09 13.84 -1.84
CA PRO A 160 -10.31 14.66 -2.76
C PRO A 160 -10.30 16.11 -2.29
N ARG A 161 -9.16 16.80 -2.37
CA ARG A 161 -9.08 18.19 -1.95
C ARG A 161 -7.96 18.98 -2.61
N ARG A 162 -8.26 20.09 -3.26
CA ARG A 162 -7.23 20.91 -3.90
C ARG A 162 -6.78 22.07 -3.02
N PHE A 163 -5.50 22.39 -3.03
CA PHE A 163 -4.96 23.48 -2.23
C PHE A 163 -4.54 24.59 -3.19
N TYR A 164 -5.23 25.74 -3.13
CA TYR A 164 -4.93 26.87 -4.00
C TYR A 164 -3.89 27.80 -3.44
N LEU A 165 -2.89 28.24 -4.21
CA LEU A 165 -1.85 29.15 -3.71
C LEU A 165 -2.34 30.57 -3.54
N ALA A 166 -3.29 31.00 -4.38
CA ALA A 166 -3.80 32.35 -4.31
C ALA A 166 -5.27 32.51 -4.63
N GLY A 167 -5.78 33.63 -4.12
CA GLY A 167 -7.18 34.01 -4.33
C GLY A 167 -8.21 33.36 -3.42
N ASN A 168 -9.22 34.16 -3.12
CA ASN A 168 -10.30 33.71 -2.27
C ASN A 168 -11.37 33.20 -3.22
N GLN A 169 -11.60 31.90 -3.01
CA GLN A 169 -12.59 31.10 -3.73
C GLN A 169 -12.49 29.72 -3.16
N GLU A 170 -13.61 29.02 -3.27
CA GLU A 170 -13.64 27.69 -2.75
C GLU A 170 -13.29 26.64 -3.78
N GLN A 171 -12.46 25.76 -3.19
CA GLN A 171 -11.89 24.57 -3.78
C GLN A 171 -13.00 23.70 -4.34
N GLU A 172 -12.77 23.20 -5.56
CA GLU A 172 -13.72 22.36 -6.27
C GLU A 172 -14.40 21.26 -5.46
N PHE A 173 -13.61 20.60 -4.60
CA PHE A 173 -14.14 19.50 -3.81
C PHE A 173 -14.63 19.80 -2.42
N LEU A 174 -14.80 21.09 -2.10
CA LEU A 174 -15.32 21.53 -0.81
C LEU A 174 -16.79 21.09 -0.71
N LYS A 175 -17.50 21.11 -1.84
CA LYS A 175 -18.90 20.70 -1.94
C LYS A 175 -19.12 19.30 -1.38
N TYR A 176 -18.11 18.44 -1.58
CA TYR A 176 -18.12 17.04 -1.15
C TYR A 176 -17.63 16.81 0.28
N GLN A 177 -16.95 17.83 0.80
CA GLN A 177 -16.41 17.82 2.14
C GLN A 177 -17.59 17.95 3.07
N GLN A 178 -18.38 19.00 2.78
CA GLN A 178 -19.59 19.33 3.52
C GLN A 178 -20.80 18.46 3.18
N GLY A 198 -13.81 30.30 0.79
CA GLY A 198 -12.75 29.54 1.44
C GLY A 198 -11.38 30.24 1.42
N GLY A 199 -10.87 30.53 0.23
CA GLY A 199 -9.58 31.19 0.13
C GLY A 199 -8.47 30.17 0.00
N SER A 200 -7.34 30.72 -0.43
CA SER A 200 -6.14 29.95 -0.63
C SER A 200 -5.32 29.73 0.63
N ILE A 201 -4.27 28.92 0.52
CA ILE A 201 -3.42 28.62 1.65
C ILE A 201 -2.72 29.84 2.23
N LEU A 202 -2.43 30.85 1.42
CA LEU A 202 -1.79 32.06 1.90
C LEU A 202 -2.72 32.95 2.67
N SER A 203 -4.00 33.03 2.26
CA SER A 203 -4.96 33.89 2.94
C SER A 203 -5.50 33.39 4.28
N GLY A 204 -4.79 32.44 4.90
CA GLY A 204 -5.15 31.85 6.18
C GLY A 204 -4.19 32.22 7.28
N PHE A 205 -3.06 32.85 6.93
CA PHE A 205 -2.09 33.25 7.90
C PHE A 205 -2.45 34.59 8.45
N THR A 206 -1.80 34.91 9.58
CA THR A 206 -1.99 36.17 10.26
C THR A 206 -1.13 37.12 9.46
N LEU A 207 -1.72 38.29 9.17
CA LEU A 207 -1.09 39.35 8.39
C LEU A 207 0.35 39.70 8.76
N GLU A 208 0.74 39.50 10.02
CA GLU A 208 2.11 39.78 10.45
C GLU A 208 3.01 38.61 10.02
N PHE A 209 2.49 37.38 9.95
CA PHE A 209 3.32 36.25 9.53
C PHE A 209 3.69 36.38 8.05
N LEU A 210 2.80 36.79 7.13
CA LEU A 210 3.18 36.91 5.72
C LEU A 210 4.21 38.01 5.54
N GLU A 211 3.96 39.10 6.28
CA GLU A 211 4.79 40.31 6.31
C GLU A 211 6.25 39.99 6.58
N HIS A 212 6.44 39.20 7.64
CA HIS A 212 7.74 38.75 8.08
C HIS A 212 8.31 37.74 7.09
N ALA A 213 7.50 36.73 6.69
CA ALA A 213 7.90 35.67 5.78
C ALA A 213 8.45 36.16 4.44
N PHE A 214 7.65 36.90 3.68
CA PHE A 214 8.03 37.44 2.37
C PHE A 214 8.91 38.69 2.42
N SER A 215 8.99 39.23 3.66
CA SER A 215 9.74 40.43 4.03
C SER A 215 9.32 41.64 3.17
N VAL A 216 8.04 41.91 3.34
CA VAL A 216 7.37 42.99 2.64
C VAL A 216 6.43 43.69 3.63
N ASP A 217 5.94 44.86 3.18
CA ASP A 217 5.05 45.71 3.95
C ASP A 217 3.61 45.24 4.00
N LYS A 218 2.90 45.72 5.03
CA LYS A 218 1.50 45.42 5.32
C LYS A 218 0.59 45.50 4.10
N GLN A 219 0.89 46.46 3.24
CA GLN A 219 0.10 46.66 2.04
C GLN A 219 0.33 45.53 1.03
N ILE A 220 1.55 45.15 0.60
CA ILE A 220 1.61 44.05 -0.38
C ILE A 220 1.48 42.69 0.32
N ALA A 221 1.33 42.74 1.66
CA ALA A 221 1.12 41.56 2.45
C ALA A 221 -0.39 41.35 2.38
N LYS A 222 -1.24 42.41 2.35
CA LYS A 222 -2.70 42.23 2.26
C LYS A 222 -3.13 41.65 0.92
N ASN A 223 -2.41 42.10 -0.12
CA ASN A 223 -2.62 41.66 -1.49
C ASN A 223 -2.21 40.19 -1.65
N LEU A 224 -1.33 39.74 -0.75
CA LEU A 224 -0.87 38.37 -0.75
C LEU A 224 -1.84 37.53 0.10
N GLN A 225 -2.37 38.14 1.17
CA GLN A 225 -3.29 37.50 2.09
C GLN A 225 -4.74 37.63 1.62
N GLY A 226 -4.97 37.22 0.36
CA GLY A 226 -6.29 37.26 -0.24
C GLY A 226 -6.75 38.65 -0.68
N GLU A 227 -7.07 39.48 0.33
CA GLU A 227 -7.58 40.86 0.19
C GLU A 227 -6.91 41.77 -0.83
N LYS A 233 -13.69 36.87 -8.94
CA LYS A 233 -12.92 35.92 -9.76
C LYS A 233 -12.34 34.77 -8.96
N GLY A 234 -12.61 33.56 -9.49
CA GLY A 234 -12.17 32.34 -8.82
C GLY A 234 -10.79 31.84 -9.16
N ALA A 235 -10.73 30.51 -9.21
CA ALA A 235 -9.53 29.79 -9.54
C ALA A 235 -9.04 30.04 -10.95
N ILE A 236 -9.93 30.29 -11.92
CA ILE A 236 -9.50 30.52 -13.30
C ILE A 236 -9.81 31.93 -13.74
N VAL A 237 -8.89 32.84 -13.44
CA VAL A 237 -8.98 34.25 -13.73
C VAL A 237 -8.62 34.63 -15.15
N THR A 238 -9.06 35.78 -15.66
CA THR A 238 -8.71 36.24 -17.01
C THR A 238 -7.57 37.25 -16.91
N VAL A 239 -6.50 36.97 -17.67
CA VAL A 239 -5.29 37.76 -17.77
C VAL A 239 -5.49 38.76 -18.90
N LYS A 240 -6.15 39.85 -18.50
CA LYS A 240 -6.54 40.99 -19.31
C LYS A 240 -5.70 41.31 -20.56
N GLY A 241 -4.42 41.65 -20.34
CA GLY A 241 -3.54 41.95 -21.45
C GLY A 241 -3.13 40.68 -22.18
N GLY A 242 -2.88 39.65 -21.37
CA GLY A 242 -2.44 38.37 -21.88
C GLY A 242 -1.11 38.11 -21.21
N LEU A 243 -0.84 36.85 -20.91
CA LEU A 243 0.40 36.45 -20.28
C LEU A 243 1.45 36.35 -21.38
N SER A 244 2.25 37.43 -21.43
CA SER A 244 3.34 37.62 -22.38
C SER A 244 4.58 36.76 -22.15
N VAL A 245 4.57 35.81 -21.18
CA VAL A 245 5.72 34.94 -20.91
C VAL A 245 5.82 33.93 -22.05
N ILE A 246 6.74 34.27 -22.96
CA ILE A 246 7.08 33.55 -24.20
C ILE A 246 6.69 32.08 -24.38
N LYS A 247 6.26 31.75 -25.60
CA LYS A 247 5.92 30.38 -25.94
C LYS A 247 7.25 29.75 -26.38
N PRO A 248 7.73 28.68 -25.71
CA PRO A 248 8.80 27.83 -26.25
C PRO A 248 8.50 27.12 -27.56
N ILE A 297 14.27 14.25 -11.86
CA ILE A 297 12.90 14.69 -12.05
C ILE A 297 12.78 16.10 -12.67
N CYS A 298 13.75 17.02 -12.48
CA CYS A 298 13.69 18.38 -13.04
C CYS A 298 13.50 18.38 -14.55
N THR A 299 14.28 17.47 -15.11
CA THR A 299 14.33 17.23 -16.54
C THR A 299 13.45 16.07 -17.02
N MET A 300 12.78 15.38 -16.07
CA MET A 300 11.88 14.28 -16.40
C MET A 300 10.62 14.85 -17.02
N ARG A 301 10.46 14.57 -18.32
CA ARG A 301 9.36 15.00 -19.16
C ARG A 301 8.00 14.58 -18.64
N LEU A 302 7.06 15.52 -18.47
CA LEU A 302 5.74 15.15 -18.01
C LEU A 302 4.60 15.61 -18.88
N ARG A 303 4.85 15.37 -20.16
CA ARG A 303 3.94 15.66 -21.26
C ARG A 303 4.27 14.67 -22.35
N HIS A 304 3.26 13.90 -22.78
CA HIS A 304 3.40 12.86 -23.80
C HIS A 304 2.09 12.78 -24.55
N ASN A 305 2.12 12.74 -25.88
CA ASN A 305 0.90 12.68 -26.68
C ASN A 305 0.39 11.30 -27.03
N ILE A 306 -0.92 11.12 -26.85
CA ILE A 306 -1.60 9.86 -27.15
C ILE A 306 -2.80 10.10 -28.06
N GLY A 307 -3.23 11.36 -28.25
CA GLY A 307 -4.39 11.72 -29.08
C GLY A 307 -4.31 11.26 -30.52
N GLN A 308 -5.18 11.79 -31.38
CA GLN A 308 -5.22 11.40 -32.80
C GLN A 308 -3.96 11.78 -33.61
N THR A 309 -3.07 12.54 -32.93
CA THR A 309 -1.82 13.00 -33.53
C THR A 309 -0.70 12.18 -32.90
N SER A 310 -0.78 10.87 -33.09
CA SER A 310 0.21 9.99 -32.54
C SER A 310 0.43 8.79 -33.46
N SER A 311 1.40 7.91 -33.22
CA SER A 311 1.57 6.76 -34.08
C SER A 311 1.07 5.55 -33.29
N PRO A 312 -0.10 5.02 -33.68
CA PRO A 312 -0.93 4.17 -32.84
C PRO A 312 -0.37 2.80 -32.52
N ASP A 313 -0.94 2.23 -31.45
CA ASP A 313 -0.56 0.92 -30.97
C ASP A 313 -1.21 -0.19 -31.76
N ILE A 314 -2.51 -0.03 -31.98
CA ILE A 314 -3.31 -0.98 -32.74
C ILE A 314 -3.88 -0.09 -33.83
N TYR A 315 -3.81 -0.56 -35.06
CA TYR A 315 -4.37 0.20 -36.15
C TYR A 315 -4.98 -0.76 -37.18
N ASN A 316 -6.23 -0.41 -37.47
CA ASN A 316 -7.02 -1.13 -38.43
C ASN A 316 -7.80 -0.09 -39.21
N PRO A 317 -7.59 0.05 -40.52
CA PRO A 317 -8.22 1.06 -41.35
C PRO A 317 -9.71 0.84 -41.55
N GLN A 318 -10.26 -0.24 -40.97
CA GLN A 318 -11.67 -0.57 -41.05
C GLN A 318 -12.34 -0.55 -39.69
N ALA A 319 -11.53 -0.54 -38.62
CA ALA A 319 -12.09 -0.53 -37.29
C ALA A 319 -11.71 0.68 -36.47
N GLY A 320 -10.51 1.19 -36.60
CA GLY A 320 -10.09 2.35 -35.84
C GLY A 320 -8.66 2.21 -35.35
N SER A 321 -8.41 2.71 -34.14
CA SER A 321 -7.09 2.63 -33.55
C SER A 321 -7.15 2.82 -32.05
N VAL A 322 -6.09 2.36 -31.40
CA VAL A 322 -5.95 2.46 -29.96
C VAL A 322 -4.51 2.80 -29.69
N THR A 323 -4.23 3.83 -28.91
CA THR A 323 -2.88 4.23 -28.59
C THR A 323 -2.78 4.20 -27.08
N THR A 324 -1.77 3.51 -26.52
CA THR A 324 -1.63 3.38 -25.08
C THR A 324 -0.34 4.01 -24.57
N ALA A 325 -0.51 4.83 -23.54
CA ALA A 325 0.63 5.47 -22.89
C ALA A 325 0.89 4.75 -21.57
N THR A 326 1.95 3.96 -21.48
CA THR A 326 2.31 3.28 -20.23
C THR A 326 3.67 3.83 -19.78
N SER A 327 4.18 3.34 -18.65
CA SER A 327 5.46 3.79 -18.14
C SER A 327 6.63 3.41 -19.03
N LEU A 328 6.40 2.53 -19.99
CA LEU A 328 7.43 2.13 -20.91
C LEU A 328 7.79 3.26 -21.85
N ASP A 329 6.74 3.93 -22.29
CA ASP A 329 6.80 5.04 -23.23
C ASP A 329 7.02 6.40 -22.65
N PHE A 330 6.33 6.58 -21.53
CA PHE A 330 6.34 7.83 -20.80
C PHE A 330 6.81 7.46 -19.40
N PRO A 331 8.08 7.60 -19.06
CA PRO A 331 8.63 7.21 -17.77
C PRO A 331 8.11 7.98 -16.58
N ALA A 332 7.58 9.18 -16.75
CA ALA A 332 7.07 9.93 -15.62
C ALA A 332 5.83 9.27 -15.04
N LEU A 333 5.24 8.32 -15.76
CA LEU A 333 4.04 7.66 -15.27
C LEU A 333 4.26 6.63 -14.18
N SER A 334 5.49 6.17 -14.04
CA SER A 334 5.80 5.19 -13.02
C SER A 334 5.82 5.87 -11.67
N TRP A 335 5.89 7.21 -11.68
CA TRP A 335 5.86 8.00 -10.46
C TRP A 335 4.40 8.10 -10.05
N LEU A 336 3.50 8.26 -11.03
CA LEU A 336 2.09 8.38 -10.76
C LEU A 336 1.32 7.10 -10.44
N ARG A 337 1.81 6.00 -11.00
CA ARG A 337 1.22 4.67 -10.89
C ARG A 337 -0.16 4.70 -11.56
N LEU A 338 -0.23 5.55 -12.61
CA LEU A 338 -1.39 5.81 -13.44
C LEU A 338 -1.01 5.69 -14.92
N SER A 339 -2.02 5.50 -15.76
CA SER A 339 -1.91 5.33 -17.19
C SER A 339 -3.13 5.90 -17.90
N ALA A 340 -3.14 5.94 -19.23
CA ALA A 340 -4.25 6.42 -20.02
C ALA A 340 -4.31 5.69 -21.35
N GLU A 341 -5.43 5.71 -22.08
CA GLU A 341 -5.55 5.00 -23.36
C GLU A 341 -6.44 5.82 -24.24
N PHE A 342 -6.06 6.15 -25.46
CA PHE A 342 -6.93 6.91 -26.32
C PHE A 342 -7.39 5.93 -27.41
N GLY A 343 -8.69 5.90 -27.69
CA GLY A 343 -9.20 5.01 -28.73
C GLY A 343 -10.14 5.76 -29.67
N SER A 344 -10.08 5.47 -30.98
CA SER A 344 -10.95 6.08 -31.98
C SER A 344 -11.59 4.92 -32.75
N LEU A 345 -12.89 4.70 -32.70
CA LEU A 345 -13.47 3.58 -33.42
C LEU A 345 -14.49 4.04 -34.44
N ARG A 346 -14.39 3.46 -35.63
CA ARG A 346 -15.30 3.75 -36.73
C ARG A 346 -16.68 3.24 -36.36
N LYS A 347 -17.72 3.80 -37.01
CA LYS A 347 -19.08 3.39 -36.76
C LYS A 347 -19.24 1.92 -37.05
N ASN A 348 -19.79 1.28 -36.03
CA ASN A 348 -20.08 -0.13 -35.93
C ASN A 348 -18.90 -1.05 -35.70
N ALA A 349 -17.67 -0.54 -35.61
CA ALA A 349 -16.54 -1.41 -35.34
C ALA A 349 -16.58 -1.71 -33.85
N MET A 350 -15.87 -2.67 -33.27
CA MET A 350 -16.00 -2.92 -31.83
C MET A 350 -14.72 -3.24 -31.14
N PHE A 351 -14.62 -3.04 -29.81
CA PHE A 351 -13.40 -3.51 -29.16
C PHE A 351 -13.92 -4.73 -28.39
N VAL A 352 -13.35 -5.89 -28.67
CA VAL A 352 -13.74 -7.16 -28.07
C VAL A 352 -13.88 -7.21 -26.56
N PRO A 353 -14.64 -8.14 -25.98
CA PRO A 353 -14.72 -8.36 -24.55
C PRO A 353 -13.34 -8.54 -23.96
N HIS A 354 -12.97 -7.71 -22.98
CA HIS A 354 -11.65 -7.79 -22.35
C HIS A 354 -11.62 -7.27 -20.93
N TYR A 355 -10.65 -7.68 -20.12
CA TYR A 355 -10.60 -7.19 -18.76
C TYR A 355 -9.22 -6.64 -18.41
N ASN A 356 -9.07 -5.77 -17.41
CA ASN A 356 -7.72 -5.30 -17.07
C ASN A 356 -7.36 -6.18 -15.90
N LEU A 357 -6.20 -6.85 -15.97
CA LEU A 357 -5.78 -7.73 -14.91
C LEU A 357 -5.44 -6.97 -13.64
N ASN A 358 -4.76 -5.85 -13.82
CA ASN A 358 -4.31 -4.99 -12.74
C ASN A 358 -4.71 -3.51 -12.74
N ALA A 359 -5.93 -3.12 -13.10
CA ALA A 359 -6.31 -1.70 -13.08
C ALA A 359 -7.78 -1.42 -13.19
N ASN A 360 -8.12 -0.25 -12.68
CA ASN A 360 -9.49 0.23 -12.79
C ASN A 360 -9.39 1.18 -13.97
N SER A 361 -10.50 1.36 -14.68
CA SER A 361 -10.49 2.26 -15.83
C SER A 361 -11.61 3.20 -15.60
N ILE A 362 -11.40 4.40 -16.12
CA ILE A 362 -12.38 5.45 -16.03
C ILE A 362 -12.44 5.82 -17.49
N ILE A 363 -13.50 5.41 -18.19
CA ILE A 363 -13.64 5.72 -19.61
C ILE A 363 -14.44 6.97 -19.74
N TYR A 364 -13.81 8.02 -20.25
CA TYR A 364 -14.46 9.31 -20.44
C TYR A 364 -14.64 9.44 -21.94
N ALA A 365 -15.85 9.59 -22.48
CA ALA A 365 -16.01 9.72 -23.92
C ALA A 365 -15.81 11.16 -24.39
N LEU A 366 -14.86 11.19 -25.32
CA LEU A 366 -14.45 12.43 -25.93
C LEU A 366 -15.38 12.79 -27.05
N ASN A 367 -15.64 11.92 -28.02
CA ASN A 367 -16.53 12.25 -29.11
C ASN A 367 -17.40 11.07 -29.45
N GLY A 368 -18.62 11.38 -29.87
CA GLY A 368 -19.53 10.35 -30.27
C GLY A 368 -20.17 9.56 -29.17
N ARG A 369 -20.72 8.43 -29.60
CA ARG A 369 -21.43 7.52 -28.73
C ARG A 369 -21.12 6.08 -29.04
N ALA A 370 -21.30 5.22 -28.04
CA ALA A 370 -21.04 3.79 -28.18
C ALA A 370 -21.90 2.94 -27.30
N LEU A 371 -22.21 1.75 -27.76
CA LEU A 371 -23.02 0.82 -27.02
C LEU A 371 -22.01 -0.04 -26.29
N ILE A 372 -21.92 0.19 -24.98
CA ILE A 372 -20.99 -0.52 -24.13
C ILE A 372 -21.66 -1.59 -23.30
N GLN A 373 -20.91 -2.65 -22.95
CA GLN A 373 -21.40 -3.76 -22.14
C GLN A 373 -20.35 -4.24 -21.18
N VAL A 374 -20.61 -4.18 -19.88
CA VAL A 374 -19.64 -4.66 -18.91
C VAL A 374 -20.35 -5.65 -17.98
N VAL A 375 -19.68 -6.76 -17.69
CA VAL A 375 -20.24 -7.82 -16.85
C VAL A 375 -19.28 -8.16 -15.73
N ASN A 376 -19.77 -8.67 -14.59
CA ASN A 376 -18.95 -9.00 -13.44
C ASN A 376 -18.64 -10.46 -13.10
N CYS A 377 -18.13 -10.72 -11.88
CA CYS A 377 -17.80 -12.08 -11.44
C CYS A 377 -18.99 -13.01 -11.38
N ASN A 378 -20.21 -12.51 -11.45
CA ASN A 378 -21.40 -13.34 -11.38
C ASN A 378 -22.17 -13.42 -12.70
N GLY A 379 -21.53 -13.07 -13.81
CA GLY A 379 -22.14 -13.09 -15.13
C GLY A 379 -23.32 -12.13 -15.29
N GLU A 380 -23.35 -11.10 -14.47
CA GLU A 380 -24.43 -10.15 -14.55
C GLU A 380 -23.97 -9.04 -15.45
N ARG A 381 -24.81 -8.56 -16.34
CA ARG A 381 -24.41 -7.47 -17.23
C ARG A 381 -24.70 -6.13 -16.53
N VAL A 382 -23.78 -5.67 -15.65
CA VAL A 382 -23.96 -4.43 -14.90
C VAL A 382 -24.15 -3.15 -15.70
N PHE A 383 -23.92 -3.15 -17.02
CA PHE A 383 -24.16 -1.97 -17.83
C PHE A 383 -24.41 -2.41 -19.25
N ASP A 384 -25.58 -2.00 -19.74
CA ASP A 384 -25.93 -2.32 -21.07
C ASP A 384 -26.53 -1.03 -21.58
N GLY A 385 -25.74 -0.15 -22.18
CA GLY A 385 -26.29 1.10 -22.67
C GLY A 385 -25.33 1.91 -23.50
N GLU A 386 -25.68 3.17 -23.69
CA GLU A 386 -24.88 4.07 -24.49
C GLU A 386 -24.06 5.04 -23.67
N LEU A 387 -22.81 5.20 -24.06
CA LEU A 387 -21.89 6.12 -23.41
C LEU A 387 -21.61 7.16 -24.46
N GLN A 388 -22.05 8.40 -24.21
CA GLN A 388 -21.84 9.50 -25.14
C GLN A 388 -20.88 10.56 -24.61
N GLU A 389 -20.52 11.55 -25.42
CA GLU A 389 -19.62 12.65 -25.07
C GLU A 389 -19.90 13.27 -23.72
N GLY A 390 -18.76 13.54 -23.09
CA GLY A 390 -18.70 14.16 -21.78
C GLY A 390 -19.21 13.33 -20.64
N ARG A 391 -19.63 12.10 -20.93
CA ARG A 391 -20.12 11.20 -19.91
C ARG A 391 -18.98 10.27 -19.55
N VAL A 392 -19.10 9.48 -18.47
CA VAL A 392 -18.02 8.58 -18.04
C VAL A 392 -18.56 7.29 -17.44
N LEU A 393 -17.89 6.17 -17.73
CA LEU A 393 -18.23 4.83 -17.27
C LEU A 393 -17.05 4.20 -16.55
N ILE A 394 -17.22 3.69 -15.33
CA ILE A 394 -16.14 3.08 -14.60
C ILE A 394 -16.19 1.57 -14.73
N VAL A 395 -15.14 0.98 -15.25
CA VAL A 395 -15.13 -0.46 -15.39
C VAL A 395 -14.17 -0.93 -14.32
N PRO A 396 -14.60 -1.44 -13.14
CA PRO A 396 -13.73 -1.84 -12.03
C PRO A 396 -12.69 -2.86 -12.48
N GLN A 397 -11.78 -3.33 -11.60
CA GLN A 397 -10.71 -4.23 -12.03
C GLN A 397 -10.95 -5.45 -12.86
N ASN A 398 -11.34 -6.62 -12.41
CA ASN A 398 -11.46 -7.69 -13.38
C ASN A 398 -12.76 -7.81 -14.17
N PHE A 399 -13.51 -6.71 -14.24
CA PHE A 399 -14.76 -6.70 -14.97
C PHE A 399 -14.42 -6.67 -16.45
N VAL A 400 -15.23 -7.41 -17.21
CA VAL A 400 -15.09 -7.54 -18.65
C VAL A 400 -15.81 -6.42 -19.40
N VAL A 401 -15.22 -5.84 -20.46
CA VAL A 401 -15.81 -4.75 -21.22
C VAL A 401 -15.73 -5.02 -22.70
N ALA A 402 -16.78 -4.58 -23.40
CA ALA A 402 -16.91 -4.71 -24.84
C ALA A 402 -17.79 -3.56 -25.25
N ALA A 403 -17.37 -2.87 -26.32
CA ALA A 403 -18.11 -1.75 -26.86
C ALA A 403 -18.31 -1.87 -28.35
N ARG A 404 -19.34 -1.21 -28.89
CA ARG A 404 -19.59 -1.22 -30.32
C ARG A 404 -19.87 0.23 -30.65
N SER A 405 -19.02 0.89 -31.46
CA SER A 405 -19.18 2.28 -31.83
C SER A 405 -20.44 2.63 -32.60
N GLN A 406 -21.11 3.67 -32.17
CA GLN A 406 -22.31 4.08 -32.86
C GLN A 406 -22.03 5.36 -33.59
N SER A 407 -20.75 5.71 -33.77
CA SER A 407 -20.39 6.95 -34.41
C SER A 407 -19.13 6.89 -35.24
N ASP A 408 -18.92 7.96 -36.01
CA ASP A 408 -17.72 8.08 -36.83
C ASP A 408 -16.94 9.32 -36.40
N ASN A 409 -16.04 9.30 -35.43
CA ASN A 409 -15.73 8.12 -34.68
C ASN A 409 -16.08 8.33 -33.22
N PHE A 410 -16.19 7.20 -32.51
CA PHE A 410 -16.44 7.22 -31.09
C PHE A 410 -15.02 7.31 -30.56
N GLU A 411 -14.65 8.41 -29.91
CA GLU A 411 -13.32 8.53 -29.37
C GLU A 411 -13.44 8.60 -27.87
N TYR A 412 -12.59 7.87 -27.15
CA TYR A 412 -12.60 7.87 -25.68
C TYR A 412 -11.18 7.96 -25.10
N VAL A 413 -11.07 8.25 -23.80
CA VAL A 413 -9.79 8.30 -23.10
C VAL A 413 -10.04 7.34 -21.98
N SER A 414 -9.05 6.49 -21.65
CA SER A 414 -9.25 5.52 -20.61
C SER A 414 -8.18 5.65 -19.52
N PHE A 415 -8.50 6.28 -18.39
CA PHE A 415 -7.57 6.44 -17.29
C PHE A 415 -7.50 5.15 -16.51
N LYS A 416 -6.41 4.40 -16.62
CA LYS A 416 -6.29 3.13 -15.91
C LYS A 416 -5.46 3.34 -14.65
N THR A 417 -5.81 2.78 -13.48
CA THR A 417 -5.03 2.99 -12.28
C THR A 417 -3.90 1.97 -12.09
N ASN A 418 -2.89 2.08 -12.96
CA ASN A 418 -1.69 1.24 -12.96
C ASN A 418 -0.85 1.69 -14.14
N ASP A 419 0.41 2.05 -13.91
CA ASP A 419 1.25 2.52 -15.00
C ASP A 419 1.60 1.50 -16.08
N THR A 420 1.35 0.22 -15.82
CA THR A 420 1.60 -0.84 -16.79
C THR A 420 0.43 -1.81 -16.72
N PRO A 421 -0.74 -1.41 -17.22
CA PRO A 421 -1.92 -2.23 -17.24
C PRO A 421 -1.79 -3.37 -18.23
N MET A 422 -2.25 -4.54 -17.82
CA MET A 422 -2.22 -5.70 -18.70
C MET A 422 -3.65 -6.02 -19.01
N ILE A 423 -4.00 -6.20 -20.27
CA ILE A 423 -5.38 -6.53 -20.57
C ILE A 423 -5.48 -7.96 -21.08
N GLY A 424 -6.62 -8.55 -20.78
CA GLY A 424 -6.91 -9.87 -21.22
C GLY A 424 -7.97 -9.78 -22.28
N THR A 425 -7.58 -10.11 -23.50
CA THR A 425 -8.52 -10.10 -24.62
C THR A 425 -9.28 -11.42 -24.58
N LEU A 426 -10.60 -11.43 -24.62
CA LEU A 426 -11.33 -12.69 -24.58
C LEU A 426 -11.64 -13.21 -25.99
N ALA A 427 -11.62 -12.36 -27.02
CA ALA A 427 -11.89 -12.77 -28.39
C ALA A 427 -10.87 -12.06 -29.27
N GLY A 428 -10.25 -12.66 -30.28
CA GLY A 428 -9.28 -11.94 -31.11
C GLY A 428 -7.98 -12.71 -31.29
N ALA A 429 -7.10 -12.27 -32.18
CA ALA A 429 -5.83 -12.94 -32.46
C ALA A 429 -4.94 -13.42 -31.33
N ASN A 430 -5.00 -12.64 -30.27
CA ASN A 430 -4.22 -12.91 -29.10
C ASN A 430 -5.06 -13.18 -27.86
N SER A 431 -6.34 -13.50 -28.01
CA SER A 431 -7.24 -13.76 -26.89
C SER A 431 -6.88 -14.87 -25.93
N LEU A 432 -7.62 -14.95 -24.83
CA LEU A 432 -7.39 -15.97 -23.83
C LEU A 432 -7.80 -17.31 -24.42
N LEU A 433 -8.95 -17.38 -25.13
CA LEU A 433 -9.42 -18.61 -25.73
C LEU A 433 -8.49 -19.08 -26.84
N ASN A 434 -7.82 -18.15 -27.52
CA ASN A 434 -6.88 -18.44 -28.61
C ASN A 434 -5.70 -19.25 -28.13
N ALA A 435 -5.33 -19.07 -26.86
CA ALA A 435 -4.23 -19.76 -26.24
C ALA A 435 -4.62 -21.06 -25.58
N LEU A 436 -5.92 -21.31 -25.45
CA LEU A 436 -6.41 -22.55 -24.86
C LEU A 436 -6.27 -23.64 -25.88
N PRO A 437 -5.72 -24.82 -25.55
CA PRO A 437 -5.82 -26.01 -26.37
C PRO A 437 -7.25 -26.27 -26.84
N GLU A 438 -7.34 -26.55 -28.14
CA GLU A 438 -8.58 -26.83 -28.84
C GLU A 438 -9.41 -27.81 -28.06
N GLU A 439 -8.75 -28.79 -27.41
CA GLU A 439 -9.47 -29.76 -26.62
C GLU A 439 -10.01 -29.16 -25.33
N VAL A 440 -9.32 -28.25 -24.61
CA VAL A 440 -9.94 -27.73 -23.40
C VAL A 440 -11.04 -26.73 -23.76
N ILE A 441 -10.99 -26.08 -24.95
CA ILE A 441 -12.02 -25.15 -25.40
C ILE A 441 -13.23 -26.02 -25.67
N GLN A 442 -13.03 -27.22 -26.25
CA GLN A 442 -14.12 -28.15 -26.52
C GLN A 442 -14.84 -28.54 -25.24
N HIS A 443 -14.09 -28.87 -24.19
CA HIS A 443 -14.68 -29.29 -22.94
C HIS A 443 -15.21 -28.21 -22.01
N THR A 444 -14.69 -26.96 -22.08
CA THR A 444 -15.19 -25.92 -21.21
C THR A 444 -16.39 -25.25 -21.86
N PHE A 445 -16.64 -25.36 -23.19
CA PHE A 445 -17.79 -24.70 -23.79
C PHE A 445 -18.85 -25.64 -24.31
N ASN A 446 -18.48 -26.93 -24.47
CA ASN A 446 -19.35 -27.99 -24.99
C ASN A 446 -19.60 -27.75 -26.48
N LEU A 447 -18.44 -27.86 -27.13
CA LEU A 447 -18.28 -27.70 -28.56
C LEU A 447 -17.54 -28.88 -29.13
N LYS A 448 -17.39 -28.87 -30.46
CA LYS A 448 -16.70 -29.91 -31.18
C LYS A 448 -15.40 -29.34 -31.75
N SER A 449 -14.45 -30.19 -32.16
CA SER A 449 -13.16 -29.79 -32.71
C SER A 449 -13.11 -28.66 -33.72
N GLN A 450 -14.11 -28.76 -34.59
CA GLN A 450 -14.31 -27.81 -35.68
C GLN A 450 -14.78 -26.49 -35.11
N GLN A 451 -15.82 -26.50 -34.27
CA GLN A 451 -16.34 -25.27 -33.66
C GLN A 451 -15.30 -24.54 -32.81
N ALA A 452 -14.45 -25.37 -32.18
CA ALA A 452 -13.38 -24.90 -31.34
C ALA A 452 -12.41 -24.16 -32.22
N ARG A 453 -12.18 -24.67 -33.44
CA ARG A 453 -11.28 -24.02 -34.37
C ARG A 453 -11.86 -22.68 -34.81
N GLN A 454 -13.19 -22.62 -35.00
CA GLN A 454 -13.87 -21.39 -35.41
C GLN A 454 -13.76 -20.30 -34.36
N ILE A 455 -13.73 -20.65 -33.07
CA ILE A 455 -13.60 -19.65 -32.04
C ILE A 455 -12.16 -19.17 -31.95
N LYS A 456 -11.19 -20.06 -32.21
CA LYS A 456 -9.80 -19.67 -32.16
C LYS A 456 -9.42 -18.85 -33.39
N ASN A 457 -9.93 -19.13 -34.59
CA ASN A 457 -9.49 -18.37 -35.75
C ASN A 457 -10.41 -17.54 -36.61
N ASN A 458 -11.72 -17.54 -36.35
CA ASN A 458 -12.58 -16.73 -37.18
C ASN A 458 -12.32 -15.25 -37.05
N ASN A 459 -11.80 -14.81 -35.90
CA ASN A 459 -11.49 -13.39 -35.73
C ASN A 459 -9.98 -13.26 -35.78
N PRO A 460 -9.43 -12.88 -36.93
CA PRO A 460 -8.00 -12.79 -37.14
C PRO A 460 -7.39 -11.52 -36.57
N PHE A 461 -8.28 -10.65 -36.07
CA PHE A 461 -7.90 -9.37 -35.52
C PHE A 461 -7.58 -9.21 -34.05
N LYS A 462 -6.58 -8.38 -33.78
CA LYS A 462 -6.16 -8.06 -32.42
C LYS A 462 -6.97 -6.85 -31.93
N PHE A 463 -7.68 -7.07 -30.81
CA PHE A 463 -8.55 -6.15 -30.06
C PHE A 463 -9.73 -5.46 -30.73
N LEU A 464 -9.51 -4.77 -31.86
CA LEU A 464 -10.55 -4.07 -32.59
C LEU A 464 -11.00 -4.92 -33.76
N VAL A 465 -12.30 -5.14 -33.84
CA VAL A 465 -12.84 -5.92 -34.94
C VAL A 465 -13.67 -4.96 -35.79
N PRO A 466 -13.69 -5.11 -37.12
CA PRO A 466 -14.40 -4.21 -38.03
C PRO A 466 -15.89 -4.42 -38.00
N PRO A 467 -16.73 -3.60 -38.64
CA PRO A 467 -18.17 -3.83 -38.78
C PRO A 467 -18.49 -5.20 -39.27
N GLN A 468 -19.63 -5.77 -38.92
CA GLN A 468 -19.95 -7.11 -39.37
C GLN A 468 -20.16 -7.31 -40.85
N GLU A 469 -20.47 -6.24 -41.59
CA GLU A 469 -20.70 -6.31 -43.03
C GLU A 469 -21.88 -7.21 -43.39
N SER A 470 -23.01 -6.50 -43.43
CA SER A 470 -24.29 -7.10 -43.80
C SER A 470 -24.85 -6.39 -45.02
N ASN B 10 -14.11 10.66 7.35
CA ASN B 10 -12.84 11.22 6.88
C ASN B 10 -11.90 11.78 7.96
N GLU B 11 -10.99 10.88 8.33
CA GLU B 11 -9.96 11.07 9.34
C GLU B 11 -9.08 12.32 9.29
N CYS B 12 -8.69 12.85 8.12
CA CYS B 12 -7.87 14.05 8.06
C CYS B 12 -8.64 15.34 7.84
N GLN B 13 -9.98 15.29 7.80
CA GLN B 13 -10.81 16.47 7.61
C GLN B 13 -10.84 17.12 9.00
N ILE B 14 -9.73 17.81 9.27
CA ILE B 14 -9.53 18.44 10.57
C ILE B 14 -9.85 19.93 10.60
N GLN B 15 -10.72 20.12 11.58
CA GLN B 15 -11.33 21.39 11.98
C GLN B 15 -10.41 22.36 12.73
N LYS B 16 -9.81 21.81 13.80
CA LYS B 16 -8.89 22.50 14.68
C LYS B 16 -7.97 21.47 15.29
N LEU B 17 -6.69 21.81 15.24
CA LEU B 17 -5.67 20.96 15.81
C LEU B 17 -5.45 21.48 17.22
N ASN B 18 -4.60 20.83 18.01
CA ASN B 18 -4.29 21.28 19.37
C ASN B 18 -2.94 20.71 19.72
N ALA B 19 -2.11 21.51 20.39
CA ALA B 19 -0.81 21.02 20.78
C ALA B 19 -1.10 19.97 21.86
N LEU B 20 -1.00 18.67 21.50
CA LEU B 20 -1.26 17.55 22.41
C LEU B 20 -0.17 17.10 23.34
N LYS B 21 -0.58 16.79 24.56
CA LYS B 21 0.31 16.28 25.59
C LYS B 21 -0.13 14.84 25.88
N PRO B 22 0.65 13.95 26.51
CA PRO B 22 0.25 12.56 26.81
C PRO B 22 -1.00 12.39 27.66
N ASP B 23 -1.51 11.16 27.66
CA ASP B 23 -2.70 10.84 28.43
C ASP B 23 -2.46 9.64 29.31
N ASN B 24 -1.42 8.86 28.97
CA ASN B 24 -1.01 7.65 29.67
C ASN B 24 0.39 7.80 30.26
N ARG B 25 0.60 7.16 31.42
CA ARG B 25 1.88 7.21 32.11
C ARG B 25 2.11 5.93 32.89
N ILE B 26 3.25 5.25 32.66
CA ILE B 26 3.53 4.03 33.38
C ILE B 26 4.88 4.21 34.06
N GLU B 27 4.79 4.35 35.38
CA GLU B 27 5.99 4.51 36.17
C GLU B 27 6.62 3.14 36.35
N SER B 28 7.82 3.02 35.79
CA SER B 28 8.58 1.77 35.87
C SER B 28 9.70 1.88 36.90
N GLU B 29 10.14 0.75 37.49
CA GLU B 29 11.20 0.71 38.51
C GLU B 29 12.35 1.68 38.25
N GLY B 30 12.94 1.58 37.05
CA GLY B 30 14.05 2.44 36.67
C GLY B 30 13.73 3.41 35.54
N GLY B 31 12.50 3.92 35.49
CA GLY B 31 12.16 4.84 34.42
C GLY B 31 10.70 5.14 34.28
N LEU B 32 10.30 5.68 33.14
CA LEU B 32 8.90 6.02 32.93
C LEU B 32 8.54 5.93 31.45
N ILE B 33 7.23 5.76 31.14
CA ILE B 33 6.75 5.66 29.76
C ILE B 33 5.44 6.45 29.62
N GLU B 34 5.48 7.40 28.67
CA GLU B 34 4.30 8.21 28.42
C GLU B 34 3.89 7.92 27.00
N THR B 35 2.58 7.79 26.74
CA THR B 35 2.09 7.51 25.40
C THR B 35 0.93 8.40 25.05
N TRP B 36 1.00 8.95 23.84
CA TRP B 36 -0.05 9.81 23.33
C TRP B 36 -1.11 8.90 22.71
N ASN B 37 -2.35 9.30 23.00
CA ASN B 37 -3.52 8.59 22.55
C ASN B 37 -3.57 8.47 21.03
N PRO B 38 -3.35 7.26 20.47
CA PRO B 38 -3.40 6.98 19.05
C PRO B 38 -4.78 7.11 18.44
N ASN B 39 -5.81 7.18 19.27
CA ASN B 39 -7.14 7.30 18.75
C ASN B 39 -7.71 8.69 18.60
N ASN B 40 -6.81 9.68 18.68
CA ASN B 40 -7.15 11.09 18.52
C ASN B 40 -7.28 11.32 17.01
N LYS B 41 -8.12 12.21 16.46
CA LYS B 41 -8.17 12.36 15.00
C LYS B 41 -6.83 12.79 14.39
N PRO B 42 -6.03 13.81 14.84
CA PRO B 42 -4.65 14.09 14.45
C PRO B 42 -3.73 12.89 14.31
N PHE B 43 -3.89 11.97 15.25
CA PHE B 43 -3.04 10.81 15.17
C PHE B 43 -3.64 9.80 14.21
N GLN B 44 -4.97 9.65 14.08
CA GLN B 44 -5.56 8.69 13.14
C GLN B 44 -5.23 9.11 11.71
N CYS B 45 -5.24 10.45 11.52
CA CYS B 45 -4.93 11.10 10.26
C CYS B 45 -3.46 10.89 9.93
N ALA B 46 -2.59 11.16 10.91
CA ALA B 46 -1.16 11.00 10.70
C ALA B 46 -0.77 9.54 10.49
N GLY B 47 -1.46 8.65 11.19
CA GLY B 47 -1.20 7.23 11.12
C GLY B 47 0.07 6.85 11.83
N VAL B 48 0.22 7.34 13.08
CA VAL B 48 1.41 7.08 13.90
C VAL B 48 1.07 6.99 15.39
N ALA B 49 1.94 6.33 16.17
CA ALA B 49 1.75 6.19 17.61
C ALA B 49 3.01 6.74 18.25
N LEU B 50 2.85 7.85 18.94
CA LEU B 50 3.94 8.55 19.58
C LEU B 50 4.03 8.27 21.08
N SER B 51 5.23 8.00 21.60
CA SER B 51 5.39 7.76 23.02
C SER B 51 6.75 8.28 23.44
N ARG B 52 6.99 8.54 24.73
CA ARG B 52 8.27 9.03 25.22
C ARG B 52 8.80 8.31 26.46
N CYS B 53 9.79 7.42 26.27
CA CYS B 53 10.41 6.65 27.36
C CYS B 53 11.56 7.41 28.01
N THR B 54 11.76 7.19 29.29
CA THR B 54 12.86 7.84 30.00
C THR B 54 13.54 6.84 30.94
N LEU B 55 14.78 6.62 30.55
CA LEU B 55 15.62 5.69 31.26
C LEU B 55 16.47 6.41 32.29
N ASN B 56 16.28 6.03 33.56
CA ASN B 56 17.05 6.63 34.63
C ASN B 56 18.41 5.92 34.71
N ARG B 57 19.28 6.30 35.65
CA ARG B 57 20.59 5.65 35.75
C ARG B 57 20.49 4.14 36.01
N ASN B 58 21.33 3.44 35.24
CA ASN B 58 21.42 1.98 35.26
C ASN B 58 20.19 1.22 34.82
N ALA B 59 19.20 1.92 34.25
CA ALA B 59 17.99 1.29 33.75
C ALA B 59 18.24 0.56 32.44
N LEU B 60 17.47 -0.50 32.30
CA LEU B 60 17.50 -1.38 31.14
C LEU B 60 16.07 -1.39 30.61
N ARG B 61 15.87 -1.43 29.29
CA ARG B 61 14.52 -1.47 28.74
C ARG B 61 14.50 -2.88 28.18
N ARG B 62 13.61 -3.71 28.74
CA ARG B 62 13.49 -5.11 28.35
C ARG B 62 13.12 -5.35 26.91
N PRO B 63 13.67 -6.37 26.22
CA PRO B 63 13.54 -6.53 24.78
C PRO B 63 12.08 -6.62 24.36
N SER B 64 11.81 -5.83 23.32
CA SER B 64 10.48 -5.72 22.74
C SER B 64 10.55 -5.42 21.26
N TYR B 65 9.40 -5.55 20.59
CA TYR B 65 9.27 -5.31 19.15
C TYR B 65 7.84 -4.98 18.71
N THR B 66 7.67 -4.27 17.59
CA THR B 66 6.32 -3.97 17.09
C THR B 66 6.22 -4.27 15.61
N ASN B 67 4.94 -4.31 15.21
CA ASN B 67 4.47 -4.57 13.85
C ASN B 67 4.49 -3.31 13.01
N GLY B 68 5.65 -2.67 12.99
CA GLY B 68 5.74 -1.45 12.25
C GLY B 68 7.09 -0.79 12.47
N PRO B 69 7.43 0.07 11.52
CA PRO B 69 8.66 0.78 11.46
C PRO B 69 8.64 1.86 12.49
N GLN B 70 9.58 1.68 13.41
CA GLN B 70 9.78 2.60 14.50
C GLN B 70 10.98 3.45 14.13
N GLU B 71 11.06 4.61 14.76
CA GLU B 71 12.13 5.56 14.53
C GLU B 71 12.27 6.27 15.85
N ILE B 72 13.33 5.98 16.62
CA ILE B 72 13.53 6.59 17.92
C ILE B 72 14.43 7.81 17.90
N TYR B 73 14.12 8.81 18.72
CA TYR B 73 14.96 9.99 18.77
C TYR B 73 15.31 10.19 20.23
N ILE B 74 16.61 10.40 20.48
CA ILE B 74 17.10 10.61 21.85
C ILE B 74 17.23 12.11 22.15
N GLN B 75 16.26 12.57 22.94
CA GLN B 75 16.18 13.97 23.39
C GLN B 75 17.41 14.28 24.24
N GLN B 76 17.70 13.44 25.23
CA GLN B 76 18.88 13.65 26.05
C GLN B 76 19.42 12.32 26.56
N GLY B 77 20.71 12.33 26.88
CA GLY B 77 21.34 11.14 27.42
C GLY B 77 22.44 10.55 26.55
N LYS B 78 22.97 9.49 27.15
CA LYS B 78 24.03 8.66 26.61
C LYS B 78 23.76 7.25 27.09
N GLY B 79 24.18 6.27 26.31
CA GLY B 79 23.98 4.87 26.67
C GLY B 79 24.27 3.98 25.48
N ILE B 80 23.88 2.72 25.63
CA ILE B 80 24.07 1.72 24.58
C ILE B 80 22.73 1.00 24.31
N PHE B 81 22.46 0.78 23.02
CA PHE B 81 21.24 0.09 22.63
C PHE B 81 21.63 -1.15 21.80
N GLY B 82 20.82 -2.23 21.86
CA GLY B 82 21.12 -3.46 21.12
C GLY B 82 19.95 -4.03 20.34
N MET B 83 20.17 -4.42 19.08
CA MET B 83 19.13 -4.97 18.23
C MET B 83 19.41 -6.40 17.80
N ILE B 84 18.42 -7.24 18.14
CA ILE B 84 18.46 -8.67 17.88
C ILE B 84 17.88 -9.09 16.53
N TYR B 85 18.67 -8.91 15.46
CA TYR B 85 18.20 -9.26 14.13
C TYR B 85 18.10 -10.77 13.92
N PRO B 86 17.02 -11.20 13.27
CA PRO B 86 16.84 -12.55 12.74
C PRO B 86 17.85 -13.09 11.73
N ARG B 110 29.04 -14.94 20.86
CA ARG B 110 28.64 -14.42 22.17
C ARG B 110 27.25 -13.77 22.17
N HIS B 111 27.11 -12.80 21.26
CA HIS B 111 25.89 -12.04 21.03
C HIS B 111 26.03 -11.07 19.85
N GLN B 112 24.95 -10.35 19.46
CA GLN B 112 25.02 -9.40 18.35
C GLN B 112 25.64 -8.04 18.66
N LYS B 113 25.82 -7.29 17.55
CA LYS B 113 26.40 -5.93 17.55
C LYS B 113 25.58 -4.81 18.23
N ILE B 114 26.22 -4.26 19.26
CA ILE B 114 25.66 -3.17 20.05
C ILE B 114 26.19 -1.84 19.52
N TYR B 115 25.28 -0.87 19.58
CA TYR B 115 25.60 0.46 19.13
C TYR B 115 25.45 1.45 20.29
N ASN B 116 26.34 2.44 20.35
CA ASN B 116 26.32 3.46 21.40
C ASN B 116 25.64 4.75 20.95
N PHE B 117 24.70 5.22 21.78
CA PHE B 117 24.01 6.43 21.43
C PHE B 117 24.29 7.58 22.38
N ARG B 118 24.04 8.78 21.84
CA ARG B 118 24.18 10.03 22.58
C ARG B 118 22.97 10.83 22.15
N GLU B 119 22.69 11.97 22.79
CA GLU B 119 21.54 12.76 22.39
C GLU B 119 21.73 13.33 20.98
N GLY B 120 20.55 13.43 20.34
CA GLY B 120 20.43 13.93 18.99
C GLY B 120 20.52 12.75 18.03
N ASP B 121 20.60 11.52 18.56
CA ASP B 121 20.66 10.37 17.70
C ASP B 121 19.25 9.95 17.31
N LEU B 122 19.24 9.39 16.12
CA LEU B 122 18.05 8.85 15.49
C LEU B 122 18.40 7.37 15.30
N ILE B 123 17.58 6.49 15.88
CA ILE B 123 17.78 5.05 15.77
C ILE B 123 16.68 4.49 14.90
N ALA B 124 17.06 3.68 13.92
CA ALA B 124 16.09 3.07 13.04
C ALA B 124 15.91 1.62 13.45
N VAL B 125 14.65 1.28 13.72
CA VAL B 125 14.32 -0.07 14.11
C VAL B 125 13.36 -0.62 13.04
N PRO B 126 13.83 -1.54 12.16
CA PRO B 126 13.03 -2.30 11.20
C PRO B 126 11.84 -2.99 11.82
N THR B 127 10.80 -3.18 11.03
CA THR B 127 9.58 -3.80 11.51
C THR B 127 9.82 -5.20 12.03
N GLY B 128 9.43 -5.34 13.29
CA GLY B 128 9.53 -6.61 13.97
C GLY B 128 10.84 -6.87 14.71
N VAL B 129 11.95 -6.17 14.40
CA VAL B 129 13.21 -6.41 15.13
C VAL B 129 13.09 -6.02 16.61
N ALA B 130 13.66 -6.88 17.45
CA ALA B 130 13.65 -6.68 18.89
C ALA B 130 14.87 -5.84 19.30
N TRP B 131 14.69 -4.98 20.31
CA TRP B 131 15.75 -4.11 20.81
C TRP B 131 15.60 -3.88 22.31
N TRP B 132 16.75 -3.63 22.95
CA TRP B 132 16.79 -3.34 24.38
C TRP B 132 17.58 -2.03 24.54
N MET B 133 17.27 -1.24 25.59
CA MET B 133 18.00 0.01 25.76
C MET B 133 18.52 0.18 27.18
N TYR B 134 19.79 0.57 27.30
CA TYR B 134 20.42 0.77 28.60
C TYR B 134 21.10 2.12 28.77
N ASN B 135 20.85 2.67 29.97
CA ASN B 135 21.41 3.95 30.41
C ASN B 135 22.39 3.77 31.58
N ASN B 136 23.66 4.21 31.52
CA ASN B 136 24.52 4.06 32.71
C ASN B 136 24.76 5.37 33.46
N GLU B 137 24.75 6.55 32.79
CA GLU B 137 24.95 7.85 33.44
C GLU B 137 23.84 8.22 34.41
N ASP B 138 24.07 9.18 35.34
CA ASP B 138 23.03 9.63 36.29
C ASP B 138 21.88 10.30 35.56
N THR B 139 22.31 10.99 34.49
CA THR B 139 21.43 11.73 33.60
C THR B 139 20.41 10.79 32.97
N PRO B 140 19.10 11.06 33.08
CA PRO B 140 18.07 10.31 32.38
C PRO B 140 18.03 10.57 30.89
N VAL B 141 17.93 9.42 30.18
CA VAL B 141 17.83 9.35 28.74
C VAL B 141 16.34 9.51 28.42
N VAL B 142 16.10 10.46 27.52
CA VAL B 142 14.75 10.75 27.10
C VAL B 142 14.76 10.44 25.62
N ALA B 143 13.76 9.67 25.23
CA ALA B 143 13.63 9.28 23.84
C ALA B 143 12.17 9.34 23.43
N VAL B 144 12.00 10.02 22.31
CA VAL B 144 10.68 10.17 21.74
C VAL B 144 10.73 9.43 20.41
N SER B 145 9.75 8.55 20.23
CA SER B 145 9.66 7.74 19.03
C SER B 145 8.26 7.54 18.51
N ILE B 146 8.20 7.30 17.19
CA ILE B 146 6.91 7.07 16.57
C ILE B 146 6.90 5.68 15.98
N ILE B 147 5.69 5.15 15.84
CA ILE B 147 5.48 3.83 15.28
C ILE B 147 4.53 4.16 14.14
N ASP B 148 4.92 3.86 12.91
CA ASP B 148 4.06 4.12 11.77
C ASP B 148 3.10 2.95 11.62
N THR B 149 1.94 3.06 12.30
CA THR B 149 0.94 2.03 12.26
C THR B 149 0.28 1.94 10.89
N ASN B 150 0.44 2.97 10.08
CA ASN B 150 -0.13 2.93 8.75
C ASN B 150 0.84 2.46 7.67
N SER B 151 1.86 1.71 8.12
CA SER B 151 2.87 1.16 7.25
C SER B 151 2.29 0.06 6.40
N LEU B 152 3.10 -0.27 5.39
CA LEU B 152 2.79 -1.30 4.43
C LEU B 152 3.25 -2.62 5.03
N GLU B 153 4.18 -2.49 5.98
CA GLU B 153 4.76 -3.60 6.69
C GLU B 153 3.88 -4.04 7.85
N ASN B 154 2.92 -3.20 8.23
CA ASN B 154 2.00 -3.49 9.31
C ASN B 154 0.78 -4.26 8.82
N GLN B 155 0.88 -5.60 8.85
CA GLN B 155 -0.20 -6.44 8.40
C GLN B 155 -1.34 -6.72 9.35
N LEU B 156 -1.21 -6.21 10.57
CA LEU B 156 -2.28 -6.41 11.54
C LEU B 156 -3.39 -5.37 11.33
N ASP B 157 -3.62 -4.44 12.26
CA ASP B 157 -4.61 -3.38 12.16
C ASP B 157 -4.03 -2.11 12.72
N GLN B 158 -4.82 -1.04 12.74
CA GLN B 158 -4.41 0.26 13.23
C GLN B 158 -4.12 0.43 14.73
N MET B 159 -3.96 -0.68 15.47
CA MET B 159 -3.66 -0.62 16.90
C MET B 159 -2.14 -0.58 17.00
N PRO B 160 -1.56 0.28 17.85
CA PRO B 160 -0.19 0.13 18.32
C PRO B 160 -0.19 -0.94 19.42
N ARG B 161 0.87 -1.75 19.43
CA ARG B 161 1.02 -2.83 20.40
C ARG B 161 2.46 -3.29 20.50
N ARG B 162 3.04 -3.41 21.69
CA ARG B 162 4.42 -3.84 21.82
C ARG B 162 4.46 -5.28 22.30
N PHE B 163 5.51 -5.98 21.89
CA PHE B 163 5.64 -7.36 22.24
C PHE B 163 6.89 -7.50 23.05
N TYR B 164 6.68 -7.58 24.37
CA TYR B 164 7.76 -7.73 25.33
C TYR B 164 8.20 -9.16 25.54
N LEU B 165 9.48 -9.37 25.24
CA LEU B 165 10.10 -10.68 25.38
C LEU B 165 9.98 -11.20 26.80
N ALA B 166 10.11 -10.32 27.80
CA ALA B 166 10.02 -10.72 29.20
C ALA B 166 9.27 -9.80 30.17
N GLY B 167 9.04 -10.44 31.31
CA GLY B 167 8.35 -9.79 32.42
C GLY B 167 6.84 -9.91 32.45
N ASN B 168 6.32 -9.50 33.61
CA ASN B 168 4.88 -9.51 33.83
C ASN B 168 4.64 -8.02 33.89
N GLN B 169 4.06 -7.47 32.83
CA GLN B 169 3.74 -6.06 32.75
C GLN B 169 2.85 -5.82 31.53
N GLU B 170 1.92 -4.90 31.74
CA GLU B 170 1.02 -4.54 30.67
C GLU B 170 1.67 -3.52 29.75
N GLN B 171 1.66 -3.95 28.50
CA GLN B 171 2.20 -3.21 27.38
C GLN B 171 1.54 -1.83 27.33
N GLU B 172 2.39 -0.83 27.09
CA GLU B 172 2.06 0.59 27.00
C GLU B 172 0.73 0.96 26.38
N PHE B 173 0.46 0.38 25.19
CA PHE B 173 -0.76 0.67 24.46
C PHE B 173 -2.02 -0.13 24.78
N LEU B 174 -1.96 -1.06 25.76
CA LEU B 174 -3.09 -1.89 26.20
C LEU B 174 -4.26 -0.98 26.57
N LYS B 175 -3.93 0.17 27.14
CA LYS B 175 -4.88 1.19 27.54
C LYS B 175 -5.84 1.53 26.41
N TYR B 176 -5.21 1.76 25.25
CA TYR B 176 -5.91 2.14 24.04
C TYR B 176 -6.71 1.00 23.42
N GLN B 177 -6.24 -0.20 23.75
CA GLN B 177 -6.87 -1.41 23.29
C GLN B 177 -8.17 -1.52 24.03
N GLN B 178 -8.16 -1.18 25.33
CA GLN B 178 -9.33 -1.22 26.20
C GLN B 178 -10.00 0.17 26.31
N GLY B 198 -0.92 -8.36 32.61
CA GLY B 198 -0.76 -9.41 31.62
C GLY B 198 0.55 -10.21 31.72
N GLY B 199 1.47 -9.75 30.84
CA GLY B 199 2.79 -10.37 30.77
C GLY B 199 3.42 -10.20 29.41
N SER B 200 4.47 -11.00 29.32
CA SER B 200 5.31 -11.09 28.15
C SER B 200 4.81 -12.16 27.22
N ILE B 201 5.45 -12.35 26.06
CA ILE B 201 5.04 -13.38 25.13
C ILE B 201 5.47 -14.71 25.73
N LEU B 202 6.52 -14.71 26.57
CA LEU B 202 7.00 -15.94 27.17
C LEU B 202 6.16 -16.41 28.33
N SER B 203 5.56 -15.49 29.08
CA SER B 203 4.74 -15.85 30.22
C SER B 203 3.36 -16.41 29.89
N GLY B 204 3.01 -16.44 28.60
CA GLY B 204 1.74 -16.98 28.13
C GLY B 204 1.89 -18.47 27.82
N PHE B 205 3.12 -18.92 27.54
CA PHE B 205 3.36 -20.32 27.26
C PHE B 205 3.31 -21.23 28.47
N THR B 206 3.14 -22.49 28.15
CA THR B 206 3.07 -23.59 29.12
C THR B 206 4.43 -24.03 29.69
N LEU B 207 4.52 -24.52 30.93
CA LEU B 207 5.80 -24.95 31.49
C LEU B 207 6.46 -26.05 30.67
N GLU B 208 5.77 -27.13 30.28
CA GLU B 208 6.41 -28.19 29.50
C GLU B 208 6.76 -27.76 28.11
N PHE B 209 6.08 -26.71 27.60
CA PHE B 209 6.36 -26.20 26.27
C PHE B 209 7.65 -25.41 26.33
N LEU B 210 7.74 -24.63 27.41
CA LEU B 210 8.90 -23.81 27.67
C LEU B 210 10.10 -24.71 27.99
N GLU B 211 9.90 -25.79 28.78
CA GLU B 211 10.98 -26.71 29.13
C GLU B 211 11.47 -27.47 27.90
N HIS B 212 10.55 -27.86 27.01
CA HIS B 212 10.92 -28.59 25.81
C HIS B 212 11.59 -27.67 24.83
N ALA B 213 11.10 -26.44 24.78
CA ALA B 213 11.60 -25.43 23.87
C ALA B 213 13.04 -25.08 24.17
N PHE B 214 13.24 -24.53 25.37
CA PHE B 214 14.55 -24.12 25.82
C PHE B 214 15.50 -25.20 26.29
N SER B 215 14.94 -26.42 26.45
CA SER B 215 15.62 -27.64 26.89
C SER B 215 16.22 -27.40 28.29
N VAL B 216 15.39 -26.86 29.18
CA VAL B 216 15.80 -26.57 30.54
C VAL B 216 14.91 -27.24 31.56
N ASP B 217 15.35 -27.19 32.82
CA ASP B 217 14.63 -27.76 33.94
C ASP B 217 13.45 -26.87 34.30
N LYS B 218 12.44 -27.44 34.95
CA LYS B 218 11.25 -26.67 35.31
C LYS B 218 11.49 -25.52 36.27
N GLN B 219 12.69 -25.45 36.85
CA GLN B 219 12.98 -24.37 37.78
C GLN B 219 13.35 -23.11 37.04
N ILE B 220 14.23 -23.17 36.01
CA ILE B 220 14.58 -21.92 35.33
C ILE B 220 13.60 -21.59 34.20
N ALA B 221 12.76 -22.55 33.79
CA ALA B 221 11.75 -22.29 32.75
C ALA B 221 10.65 -21.44 33.37
N LYS B 222 10.37 -21.70 34.65
CA LYS B 222 9.35 -20.97 35.40
C LYS B 222 9.73 -19.49 35.64
N ASN B 223 11.02 -19.18 35.54
CA ASN B 223 11.55 -17.83 35.69
C ASN B 223 11.32 -17.06 34.40
N LEU B 224 11.70 -17.84 33.40
CA LEU B 224 11.62 -17.52 32.01
C LEU B 224 10.17 -17.28 31.63
N GLN B 225 9.23 -17.98 32.30
CA GLN B 225 7.78 -17.87 32.06
C GLN B 225 7.15 -16.67 32.78
N GLY B 226 7.88 -15.55 32.76
CA GLY B 226 7.42 -14.33 33.40
C GLY B 226 7.60 -14.37 34.92
N GLU B 227 7.84 -15.52 35.57
CA GLU B 227 7.97 -15.47 37.02
C GLU B 227 9.42 -15.57 37.48
N LYS B 233 8.66 -3.92 38.97
CA LYS B 233 9.53 -3.73 37.81
C LYS B 233 8.76 -4.03 36.54
N GLY B 234 8.54 -2.95 35.79
CA GLY B 234 7.78 -3.01 34.55
C GLY B 234 8.61 -3.24 33.30
N ALA B 235 8.48 -2.31 32.35
CA ALA B 235 9.23 -2.42 31.13
C ALA B 235 10.67 -1.99 31.33
N ILE B 236 10.80 -0.93 32.10
CA ILE B 236 12.09 -0.35 32.42
C ILE B 236 12.48 -0.88 33.81
N VAL B 237 13.67 -1.49 33.79
CA VAL B 237 14.27 -2.15 34.93
C VAL B 237 15.72 -1.81 35.31
N THR B 238 15.90 -1.31 36.55
CA THR B 238 17.24 -0.98 37.06
C THR B 238 18.09 -2.20 37.41
N VAL B 239 19.27 -2.16 36.77
CA VAL B 239 20.32 -3.16 36.88
C VAL B 239 21.14 -2.72 38.10
N LYS B 240 20.85 -3.27 39.31
CA LYS B 240 21.52 -2.93 40.58
C LYS B 240 22.97 -2.49 40.51
N GLY B 241 23.86 -3.41 40.11
CA GLY B 241 25.29 -3.08 40.00
C GLY B 241 25.55 -2.33 38.70
N GLY B 242 24.77 -2.71 37.68
CA GLY B 242 24.84 -2.13 36.36
C GLY B 242 25.58 -3.03 35.42
N LEU B 243 25.21 -3.02 34.13
CA LEU B 243 25.89 -3.87 33.14
C LEU B 243 27.38 -3.59 33.01
N SER B 244 28.01 -4.71 32.69
CA SER B 244 29.45 -4.79 32.46
C SER B 244 29.68 -4.80 30.95
N VAL B 245 28.59 -4.73 30.16
CA VAL B 245 28.68 -4.71 28.71
C VAL B 245 29.20 -3.31 28.32
N ILE B 246 30.23 -3.46 27.49
CA ILE B 246 30.98 -2.34 26.96
C ILE B 246 30.29 -1.22 26.17
N LYS B 247 31.15 -0.19 26.17
CA LYS B 247 30.93 1.09 25.55
C LYS B 247 32.12 1.22 24.60
N PRO B 248 31.94 0.85 23.31
CA PRO B 248 32.80 1.28 22.19
C PRO B 248 32.62 2.77 21.86
N ILE B 297 22.12 -5.94 5.82
CA ILE B 297 21.25 -5.56 6.93
C ILE B 297 21.89 -5.78 8.31
N CYS B 298 22.84 -6.72 8.46
CA CYS B 298 23.52 -6.91 9.75
C CYS B 298 24.58 -5.82 9.94
N THR B 299 25.03 -5.37 8.76
CA THR B 299 26.03 -4.34 8.61
C THR B 299 25.50 -2.98 8.19
N MET B 300 24.18 -2.83 8.16
CA MET B 300 23.56 -1.56 7.79
C MET B 300 23.60 -0.61 8.99
N ARG B 301 24.04 0.65 8.80
CA ARG B 301 24.10 1.62 9.90
C ARG B 301 22.69 2.07 10.27
N LEU B 302 22.30 1.82 11.52
CA LEU B 302 20.97 2.21 11.96
C LEU B 302 20.87 3.20 13.10
N ARG B 303 21.80 4.16 12.99
CA ARG B 303 21.95 5.25 13.92
C ARG B 303 22.63 6.43 13.20
N HIS B 304 22.01 7.59 13.29
CA HIS B 304 22.49 8.81 12.66
C HIS B 304 22.18 9.97 13.59
N ASN B 305 23.07 10.95 13.60
CA ASN B 305 22.90 12.09 14.47
C ASN B 305 22.37 13.32 13.75
N ILE B 306 21.28 13.89 14.25
CA ILE B 306 20.72 15.09 13.66
C ILE B 306 20.65 16.13 14.77
N GLY B 307 21.56 16.02 15.76
CA GLY B 307 21.62 16.96 16.86
C GLY B 307 22.33 18.23 16.43
N GLN B 308 22.38 19.28 17.29
CA GLN B 308 23.08 20.54 16.96
C GLN B 308 24.54 20.31 16.54
N THR B 309 25.06 19.19 17.08
CA THR B 309 26.39 18.64 16.88
C THR B 309 26.68 18.34 15.41
N SER B 310 25.65 17.80 14.73
CA SER B 310 25.70 17.44 13.32
C SER B 310 25.72 18.67 12.41
N SER B 311 26.41 18.57 11.27
CA SER B 311 26.47 19.68 10.33
C SER B 311 25.11 19.87 9.70
N PRO B 312 24.56 21.08 9.74
CA PRO B 312 23.19 21.31 9.36
C PRO B 312 23.05 21.47 7.87
N ASP B 313 21.80 21.32 7.49
CA ASP B 313 21.40 21.47 6.10
C ASP B 313 21.25 22.96 5.88
N ILE B 314 20.64 23.65 6.84
CA ILE B 314 20.44 25.09 6.77
C ILE B 314 21.07 25.70 8.01
N TYR B 315 21.83 26.78 7.82
CA TYR B 315 22.45 27.53 8.91
C TYR B 315 22.47 29.00 8.60
N ASN B 316 21.72 29.73 9.42
CA ASN B 316 21.61 31.17 9.33
C ASN B 316 21.98 31.72 10.70
N PRO B 317 23.06 32.48 10.81
CA PRO B 317 23.58 32.98 12.08
C PRO B 317 22.64 33.83 12.91
N GLN B 318 21.63 34.38 12.24
CA GLN B 318 20.65 35.22 12.87
C GLN B 318 19.33 34.49 12.99
N ALA B 319 19.15 33.38 12.27
CA ALA B 319 17.89 32.68 12.39
C ALA B 319 17.98 31.36 13.12
N GLY B 320 18.88 30.47 12.73
CA GLY B 320 19.00 29.20 13.40
C GLY B 320 19.69 28.24 12.47
N SER B 321 19.13 27.05 12.46
CA SER B 321 19.61 25.96 11.64
C SER B 321 18.63 24.80 11.63
N VAL B 322 18.69 24.05 10.52
CA VAL B 322 17.84 22.89 10.31
C VAL B 322 18.64 21.69 9.77
N THR B 323 18.59 20.54 10.44
CA THR B 323 19.29 19.35 9.98
C THR B 323 18.26 18.26 9.74
N THR B 324 18.23 17.62 8.56
CA THR B 324 17.25 16.56 8.33
C THR B 324 17.94 15.28 7.89
N ALA B 325 17.45 14.14 8.40
CA ALA B 325 18.04 12.85 8.03
C ALA B 325 17.12 12.14 7.06
N THR B 326 17.56 11.97 5.81
CA THR B 326 16.76 11.27 4.82
C THR B 326 17.43 9.96 4.43
N SER B 327 16.83 9.18 3.53
CA SER B 327 17.45 7.92 3.15
C SER B 327 18.66 8.11 2.26
N LEU B 328 18.96 9.34 1.83
CA LEU B 328 20.14 9.58 1.01
C LEU B 328 21.40 9.62 1.89
N ASP B 329 21.29 10.33 3.02
CA ASP B 329 22.40 10.46 3.95
C ASP B 329 22.38 9.44 5.11
N PHE B 330 21.23 8.78 5.30
CA PHE B 330 21.01 7.76 6.33
C PHE B 330 20.19 6.65 5.68
N PRO B 331 20.82 5.68 5.00
CA PRO B 331 20.17 4.75 4.10
C PRO B 331 19.23 3.73 4.69
N ALA B 332 19.33 3.43 5.99
CA ALA B 332 18.44 2.45 6.62
C ALA B 332 17.00 2.91 6.77
N LEU B 333 16.83 4.20 6.56
CA LEU B 333 15.54 4.83 6.65
C LEU B 333 14.65 4.41 5.49
N SER B 334 15.24 3.94 4.37
CA SER B 334 14.45 3.49 3.22
C SER B 334 13.77 2.14 3.50
N TRP B 335 13.96 1.66 4.72
CA TRP B 335 13.38 0.44 5.20
C TRP B 335 12.17 0.79 6.03
N LEU B 336 12.28 1.85 6.84
CA LEU B 336 11.21 2.32 7.71
C LEU B 336 10.24 3.22 6.99
N ARG B 337 10.69 3.76 5.84
CA ARG B 337 9.92 4.67 5.01
C ARG B 337 9.45 5.91 5.80
N LEU B 338 10.30 6.23 6.76
CA LEU B 338 10.21 7.29 7.74
C LEU B 338 11.49 8.11 7.67
N SER B 339 11.48 9.27 8.35
CA SER B 339 12.61 10.19 8.41
C SER B 339 12.32 11.21 9.50
N ALA B 340 13.32 12.03 9.84
CA ALA B 340 13.17 13.05 10.87
C ALA B 340 13.90 14.35 10.58
N GLU B 341 13.56 15.41 11.33
CA GLU B 341 14.14 16.73 11.14
C GLU B 341 14.36 17.49 12.43
N PHE B 342 15.57 17.87 12.81
CA PHE B 342 15.76 18.64 14.03
C PHE B 342 15.86 20.11 13.63
N GLY B 343 15.32 21.01 14.47
CA GLY B 343 15.38 22.42 14.15
C GLY B 343 15.54 23.27 15.39
N SER B 344 16.45 24.24 15.31
CA SER B 344 16.68 25.17 16.40
C SER B 344 16.44 26.55 15.80
N LEU B 345 15.63 27.40 16.43
CA LEU B 345 15.39 28.73 15.89
C LEU B 345 15.56 29.81 16.95
N ARG B 346 16.48 30.76 16.70
CA ARG B 346 16.74 31.89 17.60
C ARG B 346 15.45 32.65 17.77
N LYS B 347 15.29 33.31 18.93
CA LYS B 347 14.09 34.08 19.23
C LYS B 347 13.73 35.07 18.14
N ASN B 348 12.40 35.10 17.96
CA ASN B 348 11.64 35.88 16.98
C ASN B 348 11.90 35.67 15.49
N ALA B 349 12.78 34.70 15.17
CA ALA B 349 13.07 34.29 13.80
C ALA B 349 11.89 33.37 13.40
N MET B 350 11.83 32.84 12.17
CA MET B 350 10.71 31.97 11.81
C MET B 350 11.03 31.09 10.63
N PHE B 351 10.36 29.95 10.55
CA PHE B 351 10.58 29.15 9.36
C PHE B 351 9.36 29.50 8.57
N VAL B 352 9.65 29.89 7.34
CA VAL B 352 8.63 30.29 6.39
C VAL B 352 7.45 29.33 6.21
N PRO B 353 6.27 29.78 5.77
CA PRO B 353 5.17 28.90 5.42
C PRO B 353 5.61 27.89 4.37
N HIS B 354 5.37 26.60 4.60
CA HIS B 354 5.77 25.57 3.65
C HIS B 354 4.90 24.32 3.83
N TYR B 355 4.98 23.37 2.90
CA TYR B 355 4.19 22.16 3.03
C TYR B 355 5.01 20.97 2.62
N ASN B 356 4.73 19.78 3.15
CA ASN B 356 5.45 18.56 2.76
C ASN B 356 4.62 17.97 1.63
N LEU B 357 5.16 17.78 0.42
CA LEU B 357 4.39 17.21 -0.68
C LEU B 357 3.94 15.78 -0.39
N ASN B 358 4.91 14.97 0.02
CA ASN B 358 4.69 13.57 0.30
C ASN B 358 4.88 13.04 1.71
N ALA B 359 4.40 13.70 2.75
CA ALA B 359 4.58 13.18 4.10
C ALA B 359 3.85 13.91 5.16
N ASN B 360 3.35 13.15 6.13
CA ASN B 360 2.71 13.75 7.27
C ASN B 360 3.89 14.06 8.18
N SER B 361 3.75 15.07 9.06
CA SER B 361 4.82 15.48 9.97
C SER B 361 4.29 15.51 11.37
N ILE B 362 5.14 15.10 12.31
CA ILE B 362 4.79 15.07 13.73
C ILE B 362 5.87 15.86 14.48
N ILE B 363 5.52 17.15 14.64
CA ILE B 363 6.39 18.10 15.31
C ILE B 363 6.33 17.90 16.84
N TYR B 364 7.48 17.58 17.43
CA TYR B 364 7.60 17.39 18.86
C TYR B 364 8.43 18.57 19.27
N ALA B 365 7.93 19.43 20.15
CA ALA B 365 8.70 20.59 20.60
C ALA B 365 9.63 20.17 21.74
N LEU B 366 10.92 20.05 21.45
CA LEU B 366 11.93 19.67 22.43
C LEU B 366 12.16 20.80 23.42
N ASN B 367 12.67 21.93 22.95
CA ASN B 367 12.92 23.02 23.85
C ASN B 367 12.30 24.35 23.45
N GLY B 368 12.07 25.21 24.43
CA GLY B 368 11.48 26.49 24.14
C GLY B 368 10.00 26.38 23.80
N ARG B 369 9.52 27.47 23.23
CA ARG B 369 8.13 27.57 22.84
C ARG B 369 8.00 28.33 21.53
N ALA B 370 6.93 28.10 20.79
CA ALA B 370 6.77 28.79 19.54
C ALA B 370 5.35 29.22 19.32
N LEU B 371 5.14 29.87 18.18
CA LEU B 371 3.82 30.32 17.84
C LEU B 371 3.68 29.83 16.41
N ILE B 372 2.93 28.75 16.29
CA ILE B 372 2.69 28.14 15.00
C ILE B 372 1.29 28.43 14.46
N GLN B 373 1.24 28.37 13.12
CA GLN B 373 0.04 28.59 12.34
C GLN B 373 -0.03 27.58 11.21
N VAL B 374 -1.04 26.70 11.17
CA VAL B 374 -1.18 25.74 10.08
C VAL B 374 -2.60 25.91 9.55
N VAL B 375 -2.60 26.11 8.23
CA VAL B 375 -3.79 26.32 7.42
C VAL B 375 -3.91 25.20 6.40
N ASN B 376 -5.18 24.84 6.19
CA ASN B 376 -5.59 23.77 5.30
C ASN B 376 -5.98 24.14 3.87
N CYS B 377 -6.65 23.21 3.16
CA CYS B 377 -7.08 23.44 1.78
C CYS B 377 -8.17 24.47 1.61
N ASN B 378 -9.01 24.64 2.62
CA ASN B 378 -10.09 25.60 2.54
C ASN B 378 -9.67 27.01 2.95
N GLY B 379 -8.39 27.22 3.22
CA GLY B 379 -7.88 28.50 3.67
C GLY B 379 -8.08 28.71 5.16
N GLU B 380 -8.68 27.74 5.86
CA GLU B 380 -8.94 27.83 7.30
C GLU B 380 -7.68 27.56 8.11
N ARG B 381 -7.44 28.47 9.03
CA ARG B 381 -6.28 28.36 9.89
C ARG B 381 -6.71 27.42 10.96
N VAL B 382 -6.36 26.15 10.75
CA VAL B 382 -6.73 25.14 11.70
C VAL B 382 -5.93 25.11 13.01
N PHE B 383 -4.95 26.01 13.20
CA PHE B 383 -4.16 26.10 14.44
C PHE B 383 -3.42 27.42 14.47
N ASP B 384 -3.71 28.13 15.55
CA ASP B 384 -3.15 29.44 15.79
C ASP B 384 -2.92 29.50 17.27
N GLY B 385 -1.66 29.32 17.66
CA GLY B 385 -1.39 29.35 19.08
C GLY B 385 0.04 28.92 19.36
N GLU B 386 0.23 28.24 20.50
CA GLU B 386 1.58 27.85 20.75
C GLU B 386 1.90 26.43 21.17
N LEU B 387 2.95 25.96 20.49
CA LEU B 387 3.45 24.63 20.74
C LEU B 387 4.66 24.86 21.62
N GLN B 388 4.51 24.40 22.87
CA GLN B 388 5.59 24.52 23.85
C GLN B 388 6.28 23.18 24.12
N GLU B 389 7.32 23.13 24.98
CA GLU B 389 8.05 21.91 25.28
C GLU B 389 7.23 20.67 25.64
N GLY B 390 7.74 19.47 25.34
CA GLY B 390 7.04 18.23 25.64
C GLY B 390 5.67 18.05 24.94
N ARG B 391 5.28 18.95 24.03
CA ARG B 391 4.00 18.84 23.35
C ARG B 391 4.14 18.45 21.87
N VAL B 392 3.05 18.01 21.25
CA VAL B 392 3.10 17.57 19.87
C VAL B 392 2.08 18.31 19.02
N LEU B 393 2.50 18.66 17.81
CA LEU B 393 1.65 19.34 16.84
C LEU B 393 1.70 18.46 15.61
N ILE B 394 0.53 18.06 15.12
CA ILE B 394 0.53 17.23 13.93
C ILE B 394 0.16 18.08 12.75
N VAL B 395 1.01 18.03 11.73
CA VAL B 395 0.73 18.80 10.54
C VAL B 395 0.71 17.85 9.37
N PRO B 396 -0.51 17.51 8.86
CA PRO B 396 -0.79 16.56 7.79
C PRO B 396 0.02 16.75 6.53
N GLN B 397 -0.42 16.09 5.45
CA GLN B 397 0.34 16.16 4.23
C GLN B 397 0.40 17.48 3.51
N ASN B 398 -0.63 18.02 2.86
CA ASN B 398 -0.35 19.28 2.18
C ASN B 398 -0.69 20.58 2.89
N PHE B 399 -0.94 20.46 4.20
CA PHE B 399 -1.25 21.58 5.07
C PHE B 399 0.00 22.44 5.20
N VAL B 400 -0.17 23.74 5.10
CA VAL B 400 0.94 24.67 5.18
C VAL B 400 1.25 25.16 6.60
N VAL B 401 2.51 25.07 7.04
CA VAL B 401 2.93 25.52 8.38
C VAL B 401 3.89 26.66 8.36
N ALA B 402 3.84 27.42 9.45
CA ALA B 402 4.69 28.57 9.66
C ALA B 402 4.81 28.68 11.16
N ALA B 403 6.01 28.99 11.63
CA ALA B 403 6.21 29.13 13.05
C ALA B 403 7.14 30.28 13.40
N ARG B 404 6.82 31.06 14.44
CA ARG B 404 7.67 32.16 14.87
C ARG B 404 8.17 31.64 16.21
N SER B 405 9.48 31.67 16.34
CA SER B 405 10.17 31.22 17.54
C SER B 405 9.92 32.19 18.67
N GLN B 406 9.37 31.71 19.79
CA GLN B 406 9.13 32.63 20.89
C GLN B 406 10.27 32.51 21.90
N SER B 407 11.37 31.81 21.56
CA SER B 407 12.45 31.64 22.51
C SER B 407 13.80 31.46 21.85
N ASP B 408 14.83 31.67 22.65
CA ASP B 408 16.19 31.51 22.21
C ASP B 408 16.60 30.16 22.82
N ASN B 409 16.51 28.97 22.25
CA ASN B 409 15.96 28.73 20.92
C ASN B 409 14.84 27.73 21.08
N PHE B 410 13.88 27.78 20.13
CA PHE B 410 12.78 26.83 20.11
C PHE B 410 13.39 25.67 19.33
N GLU B 411 13.36 24.48 19.89
CA GLU B 411 13.93 23.34 19.23
C GLU B 411 12.91 22.24 19.05
N TYR B 412 12.84 21.62 17.87
CA TYR B 412 11.89 20.55 17.58
C TYR B 412 12.48 19.34 16.85
N VAL B 413 11.66 18.28 16.78
CA VAL B 413 11.99 17.05 16.07
C VAL B 413 10.72 16.84 15.27
N SER B 414 10.82 16.82 13.94
CA SER B 414 9.64 16.63 13.13
C SER B 414 9.81 15.25 12.49
N PHE B 415 8.86 14.37 12.84
CA PHE B 415 8.87 13.02 12.31
C PHE B 415 8.02 13.00 11.06
N LYS B 416 8.72 12.87 9.94
CA LYS B 416 8.05 12.82 8.67
C LYS B 416 7.81 11.36 8.30
N THR B 417 6.65 11.08 7.69
CA THR B 417 6.31 9.74 7.27
C THR B 417 6.58 9.57 5.77
N ASN B 418 7.89 9.54 5.48
CA ASN B 418 8.46 9.34 4.15
C ASN B 418 9.98 9.42 4.29
N ASP B 419 10.73 8.45 3.75
CA ASP B 419 12.19 8.47 3.83
C ASP B 419 12.87 9.58 3.04
N THR B 420 12.17 10.15 2.07
CA THR B 420 12.67 11.26 1.27
C THR B 420 11.52 12.25 1.17
N PRO B 421 11.23 12.98 2.25
CA PRO B 421 10.20 13.99 2.25
C PRO B 421 10.59 15.08 1.27
N MET B 422 9.62 15.67 0.57
CA MET B 422 9.90 16.75 -0.37
C MET B 422 9.15 17.93 0.19
N ILE B 423 9.83 19.06 0.35
CA ILE B 423 9.10 20.20 0.87
C ILE B 423 9.04 21.27 -0.19
N GLY B 424 7.90 21.94 -0.07
CA GLY B 424 7.51 23.05 -0.92
C GLY B 424 7.25 24.27 -0.05
N THR B 425 8.33 25.02 0.01
CA THR B 425 8.43 26.26 0.75
C THR B 425 7.67 27.37 0.03
N LEU B 426 6.78 28.11 0.69
CA LEU B 426 6.03 29.19 0.02
C LEU B 426 6.70 30.55 -0.07
N ALA B 427 7.70 30.81 0.78
CA ALA B 427 8.39 32.09 0.78
C ALA B 427 9.87 31.78 0.97
N GLY B 428 10.79 32.30 0.18
CA GLY B 428 12.19 31.99 0.37
C GLY B 428 12.99 32.04 -0.91
N ALA B 429 14.27 31.68 -0.83
CA ALA B 429 15.13 31.66 -2.01
C ALA B 429 14.80 30.60 -3.05
N ASN B 430 14.25 29.56 -2.46
CA ASN B 430 13.84 28.37 -3.14
C ASN B 430 12.38 28.32 -3.56
N SER B 431 11.50 28.96 -2.79
CA SER B 431 10.07 28.99 -2.99
C SER B 431 9.36 28.86 -4.33
N LEU B 432 8.09 28.48 -4.16
CA LEU B 432 7.16 28.30 -5.26
C LEU B 432 6.88 29.58 -6.00
N LEU B 433 6.67 30.68 -5.28
CA LEU B 433 6.41 31.96 -5.94
C LEU B 433 7.61 32.39 -6.78
N ASN B 434 8.82 32.07 -6.31
CA ASN B 434 10.07 32.37 -7.00
C ASN B 434 10.19 31.74 -8.36
N ALA B 435 9.70 30.51 -8.51
CA ALA B 435 9.75 29.82 -9.78
C ALA B 435 8.65 30.28 -10.71
N LEU B 436 7.68 31.00 -10.14
CA LEU B 436 6.58 31.54 -10.92
C LEU B 436 7.11 32.76 -11.65
N PRO B 437 6.93 32.86 -12.97
CA PRO B 437 7.07 34.08 -13.74
C PRO B 437 6.44 35.28 -13.02
N GLU B 438 7.13 36.41 -13.14
CA GLU B 438 6.72 37.66 -12.53
C GLU B 438 5.35 38.14 -12.99
N GLU B 439 5.09 37.85 -14.25
CA GLU B 439 3.84 38.23 -14.84
C GLU B 439 2.74 37.30 -14.33
N VAL B 440 2.96 35.99 -14.16
CA VAL B 440 1.88 35.13 -13.70
C VAL B 440 1.67 35.34 -12.21
N ILE B 441 2.69 35.79 -11.48
CA ILE B 441 2.54 36.03 -10.06
C ILE B 441 1.75 37.35 -9.93
N GLN B 442 1.92 38.31 -10.89
CA GLN B 442 1.19 39.58 -10.89
C GLN B 442 -0.30 39.26 -10.97
N HIS B 443 -0.62 38.44 -11.96
CA HIS B 443 -1.98 38.05 -12.19
C HIS B 443 -2.60 37.15 -11.16
N THR B 444 -1.89 36.29 -10.39
CA THR B 444 -2.64 35.50 -9.42
C THR B 444 -2.82 36.35 -8.17
N PHE B 445 -1.98 37.36 -7.94
CA PHE B 445 -2.14 38.17 -6.75
C PHE B 445 -2.60 39.61 -6.98
N ASN B 446 -3.02 40.01 -8.17
CA ASN B 446 -3.44 41.38 -8.50
C ASN B 446 -2.38 42.37 -8.02
N LEU B 447 -1.26 42.28 -8.72
CA LEU B 447 -0.10 43.10 -8.44
C LEU B 447 0.59 43.65 -9.65
N LYS B 448 1.37 44.68 -9.34
CA LYS B 448 2.15 45.34 -10.38
C LYS B 448 3.47 44.57 -10.40
N SER B 449 4.10 44.66 -11.56
CA SER B 449 5.39 44.03 -11.82
C SER B 449 6.40 44.25 -10.73
N GLN B 450 6.52 45.54 -10.41
CA GLN B 450 7.43 46.01 -9.39
C GLN B 450 7.10 45.45 -8.01
N GLN B 451 5.85 45.12 -7.70
CA GLN B 451 5.49 44.53 -6.40
C GLN B 451 5.77 43.02 -6.42
N ALA B 452 5.65 42.48 -7.65
CA ALA B 452 5.87 41.08 -7.88
C ALA B 452 7.33 40.81 -7.59
N ARG B 453 8.24 41.69 -8.01
CA ARG B 453 9.66 41.49 -7.74
C ARG B 453 9.94 41.47 -6.26
N GLN B 454 9.22 42.28 -5.48
CA GLN B 454 9.41 42.30 -4.05
C GLN B 454 9.16 40.94 -3.46
N ILE B 455 8.09 40.28 -3.93
CA ILE B 455 7.76 38.97 -3.44
C ILE B 455 8.82 37.94 -3.84
N LYS B 456 9.35 37.99 -5.06
CA LYS B 456 10.37 37.02 -5.45
C LYS B 456 11.76 37.38 -4.94
N ASN B 457 12.04 38.57 -4.35
CA ASN B 457 13.40 38.85 -3.93
C ASN B 457 13.73 39.49 -2.60
N ASN B 458 12.75 40.09 -1.91
CA ASN B 458 12.98 40.74 -0.62
C ASN B 458 13.66 39.86 0.40
N ASN B 459 13.04 38.71 0.67
CA ASN B 459 13.55 37.73 1.60
C ASN B 459 14.53 36.80 0.87
N PRO B 460 15.86 36.89 1.06
CA PRO B 460 16.85 36.13 0.31
C PRO B 460 17.27 34.84 0.97
N PHE B 461 16.55 34.45 2.03
CA PHE B 461 16.91 33.25 2.75
C PHE B 461 16.12 31.98 2.49
N LYS B 462 16.87 30.87 2.57
CA LYS B 462 16.28 29.55 2.39
C LYS B 462 15.78 29.03 3.74
N PHE B 463 14.47 28.73 3.74
CA PHE B 463 13.69 28.20 4.86
C PHE B 463 13.57 28.97 6.17
N LEU B 464 14.65 29.64 6.53
CA LEU B 464 14.73 30.40 7.76
C LEU B 464 14.91 31.89 7.48
N VAL B 465 14.18 32.66 8.26
CA VAL B 465 14.23 34.09 8.13
C VAL B 465 14.61 34.65 9.50
N PRO B 466 15.63 35.51 9.59
CA PRO B 466 16.03 36.21 10.80
C PRO B 466 14.89 36.95 11.44
N PRO B 467 14.99 37.45 12.68
CA PRO B 467 13.90 38.14 13.36
C PRO B 467 13.57 39.35 12.52
N GLN B 468 12.30 39.77 12.62
CA GLN B 468 11.76 40.89 11.84
C GLN B 468 12.58 42.15 11.80
N GLU B 469 13.35 42.31 12.88
CA GLU B 469 14.23 43.42 13.14
C GLU B 469 13.34 44.63 13.41
N SER B 470 13.17 44.72 14.72
CA SER B 470 12.37 45.77 15.33
C SER B 470 13.30 46.64 16.17
N ASN C 10 -11.11 -3.32 15.20
CA ASN C 10 -9.75 -3.84 15.07
C ASN C 10 -9.74 -5.32 14.75
N GLU C 11 -9.45 -5.56 13.47
CA GLU C 11 -9.43 -6.89 12.90
C GLU C 11 -8.55 -7.90 13.62
N CYS C 12 -7.31 -7.50 13.89
CA CYS C 12 -6.37 -8.36 14.55
C CYS C 12 -6.42 -8.43 16.05
N GLN C 13 -7.34 -7.72 16.69
CA GLN C 13 -7.43 -7.79 18.14
C GLN C 13 -8.29 -9.01 18.51
N ILE C 14 -7.65 -10.18 18.43
CA ILE C 14 -8.30 -11.46 18.73
C ILE C 14 -8.06 -12.03 20.14
N GLN C 15 -9.15 -12.48 20.76
CA GLN C 15 -9.05 -13.05 22.09
C GLN C 15 -8.87 -14.56 22.05
N LYS C 16 -9.46 -15.20 21.04
CA LYS C 16 -9.36 -16.64 20.93
C LYS C 16 -9.47 -17.17 19.52
N LEU C 17 -8.36 -17.72 19.02
CA LEU C 17 -8.29 -18.30 17.69
C LEU C 17 -8.87 -19.71 17.76
N ASN C 18 -9.60 -20.14 16.72
CA ASN C 18 -10.13 -21.49 16.69
C ASN C 18 -9.61 -22.12 15.42
N ALA C 19 -9.44 -23.46 15.40
CA ALA C 19 -8.98 -24.15 14.21
C ALA C 19 -10.20 -24.20 13.31
N LEU C 20 -10.13 -23.50 12.18
CA LEU C 20 -11.23 -23.43 11.24
C LEU C 20 -11.39 -24.49 10.18
N LYS C 21 -12.68 -24.70 9.92
CA LYS C 21 -13.15 -25.66 8.93
C LYS C 21 -13.80 -24.90 7.78
N PRO C 22 -13.95 -25.46 6.55
CA PRO C 22 -14.72 -24.84 5.49
C PRO C 22 -16.21 -24.76 5.83
N ASP C 23 -16.92 -23.71 5.42
CA ASP C 23 -18.35 -23.59 5.71
C ASP C 23 -19.14 -23.60 4.42
N ASN C 24 -18.46 -24.08 3.37
CA ASN C 24 -19.00 -24.13 2.05
C ASN C 24 -18.46 -25.29 1.22
N ARG C 25 -19.32 -26.20 0.76
CA ARG C 25 -18.91 -27.34 -0.08
C ARG C 25 -19.61 -27.15 -1.43
N ILE C 26 -18.96 -27.19 -2.58
CA ILE C 26 -19.67 -27.04 -3.83
C ILE C 26 -19.22 -28.18 -4.72
N GLU C 27 -20.10 -29.17 -4.72
CA GLU C 27 -19.91 -30.37 -5.51
C GLU C 27 -20.18 -30.09 -6.96
N SER C 28 -19.20 -30.42 -7.79
CA SER C 28 -19.32 -30.23 -9.22
C SER C 28 -19.36 -31.62 -9.82
N GLU C 29 -19.50 -31.73 -11.14
CA GLU C 29 -19.56 -33.02 -11.82
C GLU C 29 -18.39 -33.93 -11.46
N GLY C 30 -17.14 -33.47 -11.61
CA GLY C 30 -15.96 -34.26 -11.30
C GLY C 30 -15.07 -33.66 -10.24
N GLY C 31 -15.66 -32.90 -9.33
CA GLY C 31 -14.87 -32.29 -8.28
C GLY C 31 -15.68 -31.76 -7.12
N LEU C 32 -14.92 -31.03 -6.34
CA LEU C 32 -15.42 -30.39 -5.15
C LEU C 32 -14.63 -29.11 -4.88
N ILE C 33 -15.30 -28.10 -4.32
CA ILE C 33 -14.69 -26.83 -3.98
C ILE C 33 -15.00 -26.55 -2.53
N GLU C 34 -14.01 -26.31 -1.70
CA GLU C 34 -14.33 -26.03 -0.33
C GLU C 34 -13.80 -24.66 -0.06
N THR C 35 -14.54 -23.85 0.67
CA THR C 35 -14.06 -22.50 0.95
C THR C 35 -14.30 -22.15 2.40
N TRP C 36 -13.33 -21.43 2.94
CA TRP C 36 -13.43 -20.99 4.30
C TRP C 36 -13.98 -19.55 4.30
N ASN C 37 -14.85 -19.26 5.28
CA ASN C 37 -15.45 -17.95 5.43
C ASN C 37 -14.42 -16.84 5.63
N PRO C 38 -14.35 -15.91 4.70
CA PRO C 38 -13.42 -14.80 4.74
C PRO C 38 -13.88 -13.64 5.60
N ASN C 39 -15.02 -13.75 6.28
CA ASN C 39 -15.50 -12.67 7.13
C ASN C 39 -15.33 -12.91 8.60
N ASN C 40 -14.75 -14.08 8.94
CA ASN C 40 -14.47 -14.42 10.31
C ASN C 40 -13.23 -13.57 10.54
N LYS C 41 -13.17 -12.95 11.71
CA LYS C 41 -12.03 -12.12 12.07
C LYS C 41 -10.64 -12.70 11.85
N PRO C 42 -10.23 -13.96 12.15
CA PRO C 42 -8.92 -14.49 11.82
C PRO C 42 -8.58 -14.31 10.34
N PHE C 43 -9.57 -14.47 9.45
CA PHE C 43 -9.29 -14.28 8.03
C PHE C 43 -9.36 -12.79 7.74
N GLN C 44 -10.11 -11.98 8.48
CA GLN C 44 -10.15 -10.53 8.22
C GLN C 44 -8.83 -9.87 8.58
N CYS C 45 -8.17 -10.39 9.62
CA CYS C 45 -6.90 -9.91 10.12
C CYS C 45 -5.79 -10.30 9.15
N ALA C 46 -5.81 -11.59 8.79
CA ALA C 46 -4.85 -12.17 7.87
C ALA C 46 -4.91 -11.57 6.49
N GLY C 47 -6.09 -11.25 5.98
CA GLY C 47 -6.18 -10.66 4.66
C GLY C 47 -6.13 -11.65 3.50
N VAL C 48 -6.36 -12.92 3.75
CA VAL C 48 -6.36 -13.89 2.68
C VAL C 48 -7.74 -14.52 2.62
N ALA C 49 -8.00 -15.46 1.70
CA ALA C 49 -9.29 -16.16 1.60
C ALA C 49 -8.84 -17.56 1.25
N LEU C 50 -9.12 -18.60 2.05
CA LEU C 50 -8.63 -19.93 1.69
C LEU C 50 -9.63 -20.78 0.94
N SER C 51 -9.11 -21.73 0.18
CA SER C 51 -9.93 -22.61 -0.62
C SER C 51 -9.28 -23.97 -0.77
N ARG C 52 -10.08 -25.03 -1.03
CA ARG C 52 -9.58 -26.37 -1.24
C ARG C 52 -10.34 -27.04 -2.40
N CYS C 53 -9.77 -27.02 -3.62
CA CYS C 53 -10.38 -27.63 -4.79
C CYS C 53 -10.00 -29.10 -5.01
N THR C 54 -10.84 -30.15 -4.90
CA THR C 54 -10.33 -31.48 -5.21
C THR C 54 -10.92 -31.89 -6.57
N LEU C 55 -10.07 -32.44 -7.44
CA LEU C 55 -10.45 -32.83 -8.78
C LEU C 55 -10.23 -34.31 -9.02
N ASN C 56 -11.31 -35.05 -9.25
CA ASN C 56 -11.25 -36.47 -9.47
C ASN C 56 -10.70 -36.82 -10.85
N ARG C 57 -10.57 -38.11 -11.20
CA ARG C 57 -10.06 -38.55 -12.49
C ARG C 57 -10.84 -37.96 -13.65
N ASN C 58 -10.05 -37.51 -14.63
CA ASN C 58 -10.48 -36.85 -15.86
C ASN C 58 -11.20 -35.53 -15.59
N ALA C 59 -11.01 -34.89 -14.43
CA ALA C 59 -11.69 -33.64 -14.16
C ALA C 59 -10.95 -32.45 -14.67
N LEU C 60 -11.66 -31.43 -15.12
CA LEU C 60 -11.00 -30.25 -15.63
C LEU C 60 -11.62 -29.04 -14.97
N ARG C 61 -10.81 -28.27 -14.22
CA ARG C 61 -11.29 -27.05 -13.61
C ARG C 61 -11.34 -26.08 -14.80
N ARG C 62 -12.51 -25.51 -15.07
CA ARG C 62 -12.64 -24.59 -16.19
C ARG C 62 -11.91 -23.25 -15.98
N PRO C 63 -11.48 -22.50 -17.00
CA PRO C 63 -10.69 -21.28 -16.88
C PRO C 63 -11.27 -20.20 -15.98
N SER C 64 -10.45 -19.67 -15.09
CA SER C 64 -10.87 -18.63 -14.16
C SER C 64 -9.69 -17.77 -13.72
N TYR C 65 -10.00 -16.53 -13.33
CA TYR C 65 -9.01 -15.60 -12.86
C TYR C 65 -9.51 -14.93 -11.58
N THR C 66 -8.69 -14.14 -10.88
CA THR C 66 -9.07 -13.48 -9.62
C THR C 66 -8.46 -12.10 -9.53
N ASN C 67 -9.04 -11.24 -8.71
CA ASN C 67 -8.55 -9.89 -8.51
C ASN C 67 -7.51 -9.82 -7.38
N GLY C 68 -6.58 -10.78 -7.25
CA GLY C 68 -5.58 -10.78 -6.19
C GLY C 68 -4.53 -11.84 -6.43
N PRO C 69 -3.34 -11.87 -5.82
CA PRO C 69 -2.34 -12.93 -5.96
C PRO C 69 -2.89 -14.20 -5.38
N GLN C 70 -2.52 -15.30 -6.02
CA GLN C 70 -2.98 -16.58 -5.59
C GLN C 70 -1.80 -17.50 -5.61
N GLU C 71 -1.80 -18.33 -4.57
CA GLU C 71 -0.74 -19.29 -4.39
C GLU C 71 -1.42 -20.61 -4.02
N ILE C 72 -1.15 -21.61 -4.87
CA ILE C 72 -1.71 -22.94 -4.78
C ILE C 72 -0.71 -24.00 -4.36
N TYR C 73 -1.06 -24.84 -3.38
CA TYR C 73 -0.23 -25.93 -2.88
C TYR C 73 -0.95 -27.22 -3.23
N ILE C 74 -0.23 -28.17 -3.85
CA ILE C 74 -0.84 -29.45 -4.21
C ILE C 74 -0.60 -30.53 -3.16
N GLN C 75 -1.62 -30.75 -2.32
CA GLN C 75 -1.64 -31.73 -1.24
C GLN C 75 -1.44 -33.17 -1.70
N GLN C 76 -1.99 -33.53 -2.88
CA GLN C 76 -1.85 -34.86 -3.46
C GLN C 76 -2.34 -34.86 -4.89
N GLY C 77 -1.83 -35.80 -5.68
CA GLY C 77 -2.21 -35.94 -7.07
C GLY C 77 -1.19 -35.43 -8.05
N LYS C 78 -1.39 -35.75 -9.33
CA LYS C 78 -0.54 -35.37 -10.47
C LYS C 78 -1.45 -34.86 -11.56
N GLY C 79 -1.14 -33.70 -12.13
CA GLY C 79 -2.00 -33.22 -13.18
C GLY C 79 -1.26 -32.27 -14.07
N ILE C 80 -2.01 -31.57 -14.91
CA ILE C 80 -1.42 -30.58 -15.78
C ILE C 80 -2.21 -29.32 -15.47
N PHE C 81 -1.51 -28.19 -15.30
CA PHE C 81 -2.14 -26.91 -15.03
C PHE C 81 -1.63 -25.98 -16.12
N GLY C 82 -2.49 -25.13 -16.69
CA GLY C 82 -2.08 -24.24 -17.74
C GLY C 82 -2.55 -22.83 -17.51
N MET C 83 -1.64 -21.86 -17.73
CA MET C 83 -1.91 -20.45 -17.56
C MET C 83 -2.15 -19.83 -18.94
N ILE C 84 -2.92 -18.74 -19.01
CA ILE C 84 -3.18 -18.05 -20.26
C ILE C 84 -2.70 -16.64 -19.92
N TYR C 85 -1.40 -16.38 -20.06
CA TYR C 85 -0.87 -15.06 -19.75
C TYR C 85 -1.08 -14.14 -20.94
N PRO C 86 -1.53 -12.90 -20.73
CA PRO C 86 -1.61 -11.83 -21.74
C PRO C 86 -0.33 -11.48 -22.49
N ARG C 110 -1.22 -22.45 -32.09
CA ARG C 110 -1.89 -23.45 -31.28
C ARG C 110 -2.20 -23.01 -29.86
N HIS C 111 -1.41 -23.38 -28.85
CA HIS C 111 -1.70 -23.02 -27.47
C HIS C 111 -0.48 -22.71 -26.61
N GLN C 112 -0.73 -21.98 -25.52
CA GLN C 112 0.32 -21.61 -24.58
C GLN C 112 0.84 -22.78 -23.75
N LYS C 113 1.85 -22.46 -22.92
CA LYS C 113 2.53 -23.40 -22.03
C LYS C 113 1.73 -24.06 -20.89
N ILE C 114 1.80 -25.40 -20.97
CA ILE C 114 1.18 -26.32 -20.03
C ILE C 114 2.25 -26.85 -19.10
N TYR C 115 1.97 -26.71 -17.81
CA TYR C 115 2.89 -27.12 -16.77
C TYR C 115 2.48 -28.39 -16.04
N ASN C 116 3.37 -29.39 -15.89
CA ASN C 116 3.03 -30.60 -15.17
C ASN C 116 3.25 -30.32 -13.69
N PHE C 117 2.49 -31.00 -12.82
CA PHE C 117 2.67 -30.81 -11.41
C PHE C 117 2.57 -32.11 -10.66
N ARG C 118 3.04 -32.05 -9.41
CA ARG C 118 3.08 -33.19 -8.51
C ARG C 118 2.69 -32.74 -7.14
N GLU C 119 2.54 -33.68 -6.24
CA GLU C 119 2.19 -33.33 -4.88
C GLU C 119 3.43 -32.79 -4.21
N GLY C 120 3.25 -31.61 -3.65
CA GLY C 120 4.34 -30.96 -3.00
C GLY C 120 4.57 -29.63 -3.69
N ASP C 121 4.19 -29.53 -4.96
CA ASP C 121 4.30 -28.33 -5.77
C ASP C 121 3.59 -27.07 -5.33
N LEU C 122 4.26 -25.94 -5.53
CA LEU C 122 3.69 -24.65 -5.19
C LEU C 122 3.58 -23.96 -6.53
N ILE C 123 2.38 -23.50 -6.84
CA ILE C 123 2.03 -22.83 -8.07
C ILE C 123 1.73 -21.37 -7.78
N ALA C 124 2.38 -20.47 -8.53
CA ALA C 124 2.18 -19.04 -8.38
C ALA C 124 1.18 -18.55 -9.42
N VAL C 125 0.19 -17.73 -9.06
CA VAL C 125 -0.78 -17.22 -10.03
C VAL C 125 -0.88 -15.68 -9.88
N PRO C 126 -0.12 -14.88 -10.66
CA PRO C 126 -0.13 -13.42 -10.66
C PRO C 126 -1.53 -12.88 -10.88
N THR C 127 -1.85 -11.76 -10.24
CA THR C 127 -3.16 -11.12 -10.30
C THR C 127 -3.90 -11.15 -11.64
N GLY C 128 -5.09 -11.71 -11.68
CA GLY C 128 -5.87 -11.75 -12.92
C GLY C 128 -5.46 -12.71 -14.04
N VAL C 129 -4.36 -13.46 -13.93
CA VAL C 129 -3.95 -14.43 -14.94
C VAL C 129 -4.98 -15.57 -14.95
N ALA C 130 -5.62 -15.92 -16.07
CA ALA C 130 -6.60 -17.02 -16.09
C ALA C 130 -5.87 -18.34 -16.12
N TRP C 131 -6.34 -19.40 -15.47
CA TRP C 131 -5.64 -20.68 -15.51
C TRP C 131 -6.66 -21.80 -15.53
N TRP C 132 -6.26 -23.05 -15.70
CA TRP C 132 -7.14 -24.21 -15.73
C TRP C 132 -6.36 -25.37 -15.18
N MET C 133 -7.01 -26.47 -14.75
CA MET C 133 -6.30 -27.60 -14.19
C MET C 133 -6.96 -28.90 -14.56
N TYR C 134 -6.20 -29.95 -14.82
CA TYR C 134 -6.78 -31.22 -15.20
C TYR C 134 -6.06 -32.36 -14.51
N ASN C 135 -6.79 -33.34 -13.98
CA ASN C 135 -6.23 -34.50 -13.30
C ASN C 135 -6.46 -35.71 -14.19
N ASN C 136 -5.57 -36.72 -14.29
CA ASN C 136 -5.87 -37.84 -15.19
C ASN C 136 -5.88 -39.26 -14.62
N GLU C 137 -5.33 -39.36 -13.41
CA GLU C 137 -5.22 -40.60 -12.68
C GLU C 137 -6.37 -40.76 -11.67
N ASP C 138 -6.48 -41.93 -11.02
CA ASP C 138 -7.55 -42.16 -10.06
C ASP C 138 -7.47 -41.26 -8.85
N THR C 139 -6.24 -41.18 -8.32
CA THR C 139 -5.92 -40.40 -7.15
C THR C 139 -6.22 -38.94 -7.38
N PRO C 140 -7.25 -38.41 -6.71
CA PRO C 140 -7.73 -37.07 -6.90
C PRO C 140 -6.69 -36.03 -6.52
N VAL C 141 -6.64 -34.99 -7.33
CA VAL C 141 -5.75 -33.88 -7.06
C VAL C 141 -6.45 -33.08 -5.97
N VAL C 142 -5.79 -32.73 -4.88
CA VAL C 142 -6.41 -31.89 -3.85
C VAL C 142 -5.41 -30.75 -3.84
N ALA C 143 -5.85 -29.54 -4.15
CA ALA C 143 -4.96 -28.40 -4.15
C ALA C 143 -5.44 -27.37 -3.16
N VAL C 144 -4.81 -27.05 -2.01
CA VAL C 144 -5.35 -26.02 -1.12
C VAL C 144 -4.68 -24.70 -1.52
N SER C 145 -5.39 -23.57 -1.59
CA SER C 145 -4.83 -22.28 -2.03
C SER C 145 -5.28 -20.99 -1.35
N ILE C 146 -4.55 -19.87 -1.49
CA ILE C 146 -4.95 -18.61 -0.88
C ILE C 146 -4.88 -17.46 -1.86
N ILE C 147 -5.94 -16.64 -1.79
CA ILE C 147 -6.11 -15.44 -2.57
C ILE C 147 -5.77 -14.35 -1.59
N ASP C 148 -4.70 -13.59 -1.78
CA ASP C 148 -4.39 -12.53 -0.84
C ASP C 148 -5.23 -11.33 -1.20
N THR C 149 -6.45 -11.34 -0.68
CA THR C 149 -7.39 -10.27 -0.94
C THR C 149 -6.90 -8.97 -0.39
N ASN C 150 -5.95 -8.93 0.53
CA ASN C 150 -5.49 -7.66 1.05
C ASN C 150 -4.23 -7.13 0.36
N SER C 151 -3.99 -7.62 -0.85
CA SER C 151 -2.84 -7.22 -1.64
C SER C 151 -3.04 -5.80 -2.15
N LEU C 152 -1.93 -5.20 -2.57
CA LEU C 152 -1.91 -3.86 -3.12
C LEU C 152 -2.47 -3.93 -4.55
N GLU C 153 -2.33 -5.11 -5.15
CA GLU C 153 -2.81 -5.38 -6.49
C GLU C 153 -4.32 -5.57 -6.51
N ASN C 154 -4.95 -5.77 -5.33
CA ASN C 154 -6.38 -5.94 -5.26
C ASN C 154 -7.05 -4.58 -5.19
N GLN C 155 -7.29 -4.05 -6.38
CA GLN C 155 -7.91 -2.74 -6.47
C GLN C 155 -9.42 -2.62 -6.27
N LEU C 156 -10.09 -3.73 -6.00
CA LEU C 156 -11.52 -3.75 -5.77
C LEU C 156 -11.75 -3.60 -4.27
N ASP C 157 -12.44 -4.52 -3.55
CA ASP C 157 -12.69 -4.46 -2.11
C ASP C 157 -12.21 -5.74 -1.43
N GLN C 158 -12.37 -5.92 -0.11
CA GLN C 158 -11.89 -7.13 0.53
C GLN C 158 -12.69 -8.41 0.28
N MET C 159 -13.66 -8.39 -0.64
CA MET C 159 -14.45 -9.58 -0.98
C MET C 159 -13.61 -10.42 -1.93
N PRO C 160 -13.40 -11.73 -1.74
CA PRO C 160 -12.84 -12.59 -2.75
C PRO C 160 -13.85 -12.78 -3.87
N ARG C 161 -13.35 -12.90 -5.10
CA ARG C 161 -14.20 -13.09 -6.26
C ARG C 161 -13.52 -13.96 -7.27
N ARG C 162 -14.28 -14.70 -8.07
CA ARG C 162 -13.67 -15.53 -9.07
C ARG C 162 -14.48 -15.25 -10.29
N PHE C 163 -13.77 -15.04 -11.39
CA PHE C 163 -14.40 -14.74 -12.66
C PHE C 163 -14.10 -15.92 -13.58
N TYR C 164 -15.14 -16.70 -13.92
CA TYR C 164 -14.97 -17.86 -14.78
C TYR C 164 -15.22 -17.53 -16.23
N LEU C 165 -14.49 -18.12 -17.17
CA LEU C 165 -14.70 -17.85 -18.58
C LEU C 165 -15.87 -18.61 -19.15
N ALA C 166 -16.26 -19.71 -18.49
CA ALA C 166 -17.36 -20.55 -18.95
C ALA C 166 -18.16 -21.33 -17.91
N GLY C 167 -19.37 -21.62 -18.33
CA GLY C 167 -20.32 -22.36 -17.50
C GLY C 167 -21.26 -21.46 -16.74
N ASN C 168 -22.42 -21.99 -16.40
CA ASN C 168 -23.41 -21.22 -15.69
C ASN C 168 -23.40 -21.62 -14.22
N GLN C 169 -22.30 -21.40 -13.52
CA GLN C 169 -22.22 -21.76 -12.11
C GLN C 169 -21.87 -20.60 -11.21
N GLU C 170 -22.48 -20.62 -10.02
CA GLU C 170 -22.19 -19.59 -9.05
C GLU C 170 -20.77 -19.88 -8.54
N GLN C 171 -19.99 -18.80 -8.61
CA GLN C 171 -18.60 -18.78 -8.18
C GLN C 171 -18.54 -19.03 -6.66
N GLU C 172 -17.56 -19.81 -6.24
CA GLU C 172 -17.31 -20.20 -4.86
C GLU C 172 -17.59 -19.23 -3.75
N PHE C 173 -17.23 -17.97 -3.95
CA PHE C 173 -17.42 -16.98 -2.92
C PHE C 173 -18.67 -16.13 -3.04
N LEU C 174 -19.64 -16.54 -3.85
CA LEU C 174 -20.86 -15.77 -4.02
C LEU C 174 -21.64 -15.73 -2.73
N LYS C 175 -21.67 -16.83 -1.98
CA LYS C 175 -22.37 -16.94 -0.70
C LYS C 175 -21.92 -15.91 0.33
N TYR C 176 -20.65 -15.51 0.29
CA TYR C 176 -20.13 -14.54 1.23
C TYR C 176 -20.54 -13.13 0.87
N GLN C 177 -20.68 -12.88 -0.43
CA GLN C 177 -21.06 -11.59 -0.97
C GLN C 177 -22.42 -11.21 -0.46
N GLN C 178 -23.28 -12.21 -0.59
CA GLN C 178 -24.67 -12.13 -0.17
C GLN C 178 -24.88 -12.61 1.27
N GLY C 198 -24.99 -18.92 -11.98
CA GLY C 198 -24.82 -17.47 -12.10
C GLY C 198 -24.37 -17.08 -13.50
N GLY C 199 -23.44 -17.90 -13.98
CA GLY C 199 -22.87 -17.71 -15.28
C GLY C 199 -21.42 -17.30 -15.18
N SER C 200 -20.90 -17.30 -16.39
CA SER C 200 -19.54 -16.94 -16.64
C SER C 200 -19.49 -15.48 -17.03
N ILE C 201 -18.30 -14.96 -17.32
CA ILE C 201 -18.16 -13.58 -17.74
C ILE C 201 -18.59 -13.48 -19.17
N LEU C 202 -18.60 -14.62 -19.87
CA LEU C 202 -18.96 -14.60 -21.25
C LEU C 202 -20.47 -14.67 -21.43
N SER C 203 -21.19 -15.36 -20.54
CA SER C 203 -22.65 -15.48 -20.62
C SER C 203 -23.45 -14.22 -20.34
N GLY C 204 -22.77 -13.24 -19.73
CA GLY C 204 -23.38 -11.96 -19.41
C GLY C 204 -23.48 -11.02 -20.60
N PHE C 205 -22.90 -11.44 -21.73
CA PHE C 205 -22.96 -10.64 -22.94
C PHE C 205 -24.13 -11.00 -23.80
N THR C 206 -24.52 -10.02 -24.61
CA THR C 206 -25.60 -10.20 -25.54
C THR C 206 -25.04 -11.03 -26.68
N LEU C 207 -25.93 -11.84 -27.23
CA LEU C 207 -25.60 -12.72 -28.31
C LEU C 207 -25.01 -12.05 -29.53
N GLU C 208 -25.59 -10.90 -29.85
CA GLU C 208 -25.19 -10.07 -30.97
C GLU C 208 -23.73 -9.64 -30.79
N PHE C 209 -23.32 -9.36 -29.55
CA PHE C 209 -21.96 -8.96 -29.24
C PHE C 209 -20.99 -10.12 -29.37
N LEU C 210 -21.37 -11.30 -28.87
CA LEU C 210 -20.50 -12.46 -28.97
C LEU C 210 -20.36 -12.87 -30.43
N GLU C 211 -21.45 -12.86 -31.20
CA GLU C 211 -21.48 -13.22 -32.61
C GLU C 211 -20.47 -12.38 -33.34
N HIS C 212 -20.44 -11.09 -33.02
CA HIS C 212 -19.56 -10.11 -33.62
C HIS C 212 -18.10 -10.16 -33.21
N ALA C 213 -17.84 -10.36 -31.92
CA ALA C 213 -16.50 -10.41 -31.36
C ALA C 213 -15.67 -11.64 -31.76
N PHE C 214 -16.35 -12.78 -31.82
CA PHE C 214 -15.74 -14.05 -32.17
C PHE C 214 -15.80 -14.35 -33.66
N SER C 215 -16.73 -13.65 -34.29
CA SER C 215 -17.01 -13.73 -35.70
C SER C 215 -17.48 -15.13 -36.04
N VAL C 216 -18.47 -15.59 -35.28
CA VAL C 216 -19.06 -16.90 -35.49
C VAL C 216 -20.57 -16.74 -35.57
N ASP C 217 -21.30 -17.77 -36.03
CA ASP C 217 -22.75 -17.69 -36.14
C ASP C 217 -23.44 -17.81 -34.80
N LYS C 218 -24.69 -17.33 -34.76
CA LYS C 218 -25.54 -17.34 -33.57
C LYS C 218 -25.61 -18.65 -32.79
N GLN C 219 -25.59 -19.74 -33.53
CA GLN C 219 -25.68 -21.07 -32.98
C GLN C 219 -24.45 -21.41 -32.13
N ILE C 220 -23.25 -21.10 -32.61
CA ILE C 220 -22.10 -21.42 -31.78
C ILE C 220 -21.95 -20.37 -30.70
N ALA C 221 -22.43 -19.13 -30.99
CA ALA C 221 -22.41 -18.01 -30.05
C ALA C 221 -23.23 -18.33 -28.80
N LYS C 222 -24.26 -19.15 -29.00
CA LYS C 222 -25.17 -19.62 -27.97
C LYS C 222 -24.44 -20.52 -26.98
N ASN C 223 -23.52 -21.36 -27.45
CA ASN C 223 -22.79 -22.25 -26.57
C ASN C 223 -21.73 -21.52 -25.74
N LEU C 224 -21.22 -20.42 -26.31
CA LEU C 224 -20.23 -19.59 -25.67
C LEU C 224 -20.90 -18.85 -24.52
N GLN C 225 -22.18 -18.56 -24.75
CA GLN C 225 -23.05 -17.84 -23.83
C GLN C 225 -23.69 -18.80 -22.82
N GLY C 226 -22.92 -19.72 -22.24
CA GLY C 226 -23.47 -20.67 -21.29
C GLY C 226 -24.31 -21.66 -22.06
N GLU C 227 -25.54 -21.86 -21.61
CA GLU C 227 -26.53 -22.74 -22.23
C GLU C 227 -26.11 -24.09 -22.85
N LYS C 233 -22.80 -30.36 -14.13
CA LYS C 233 -21.51 -29.71 -14.06
C LYS C 233 -21.48 -28.25 -13.60
N GLY C 234 -20.49 -28.03 -12.74
CA GLY C 234 -20.24 -26.72 -12.17
C GLY C 234 -18.91 -26.20 -12.67
N ALA C 235 -17.98 -25.89 -11.76
CA ALA C 235 -16.68 -25.37 -12.17
C ALA C 235 -15.74 -26.45 -12.63
N ILE C 236 -15.88 -27.62 -12.00
CA ILE C 236 -15.05 -28.77 -12.30
C ILE C 236 -15.87 -29.81 -13.04
N VAL C 237 -15.62 -29.82 -14.34
CA VAL C 237 -16.23 -30.68 -15.35
C VAL C 237 -15.53 -32.04 -15.48
N THR C 238 -16.11 -33.06 -16.11
CA THR C 238 -15.43 -34.34 -16.30
C THR C 238 -15.42 -34.56 -17.79
N VAL C 239 -14.22 -34.81 -18.26
CA VAL C 239 -13.97 -35.06 -19.65
C VAL C 239 -14.17 -36.54 -19.89
N LYS C 240 -15.22 -36.79 -20.67
CA LYS C 240 -15.66 -38.14 -21.06
C LYS C 240 -14.53 -39.02 -21.52
N GLY C 241 -13.88 -38.63 -22.62
CA GLY C 241 -12.80 -39.45 -23.12
C GLY C 241 -11.45 -39.10 -22.51
N GLY C 242 -11.40 -37.95 -21.83
CA GLY C 242 -10.17 -37.48 -21.24
C GLY C 242 -9.40 -36.67 -22.27
N LEU C 243 -8.74 -35.63 -21.79
CA LEU C 243 -7.96 -34.78 -22.64
C LEU C 243 -6.75 -35.55 -23.13
N SER C 244 -6.41 -35.41 -24.41
CA SER C 244 -5.23 -36.07 -24.96
C SER C 244 -4.13 -35.00 -25.08
N VAL C 245 -4.31 -33.87 -24.38
CA VAL C 245 -3.35 -32.78 -24.40
C VAL C 245 -2.08 -33.23 -23.68
N ILE C 246 -1.08 -33.15 -24.56
CA ILE C 246 0.31 -33.50 -24.29
C ILE C 246 0.92 -33.27 -22.91
N LYS C 247 1.53 -34.38 -22.48
CA LYS C 247 2.24 -34.43 -21.22
C LYS C 247 3.66 -34.07 -21.64
N PRO C 248 4.22 -32.96 -21.13
CA PRO C 248 5.64 -32.64 -21.19
C PRO C 248 6.55 -33.42 -20.24
N ILE C 297 8.58 -13.19 -18.07
CA ILE C 297 7.28 -13.56 -17.54
C ILE C 297 6.70 -14.77 -18.27
N CYS C 298 6.79 -14.76 -19.60
CA CYS C 298 6.33 -15.89 -20.41
C CYS C 298 7.35 -17.04 -20.25
N THR C 299 8.47 -16.56 -19.68
CA THR C 299 9.67 -17.25 -19.30
C THR C 299 9.61 -17.58 -17.82
N MET C 300 8.98 -16.74 -16.96
CA MET C 300 8.84 -16.98 -15.51
C MET C 300 8.28 -18.37 -15.18
N ARG C 301 9.02 -19.02 -14.27
CA ARG C 301 8.72 -20.34 -13.79
C ARG C 301 7.79 -20.23 -12.60
N LEU C 302 6.61 -20.84 -12.67
CA LEU C 302 5.70 -20.75 -11.55
C LEU C 302 5.28 -22.08 -10.93
N ARG C 303 6.29 -22.92 -10.70
CA ARG C 303 6.10 -24.24 -10.12
C ARG C 303 7.36 -24.58 -9.36
N HIS C 304 7.25 -24.66 -8.04
CA HIS C 304 8.39 -24.97 -7.21
C HIS C 304 7.95 -25.94 -6.12
N ASN C 305 8.40 -27.19 -6.18
CA ASN C 305 8.03 -28.22 -5.21
C ASN C 305 8.68 -28.10 -3.84
N ILE C 306 7.85 -27.91 -2.81
CA ILE C 306 8.35 -27.82 -1.46
C ILE C 306 7.89 -28.96 -0.59
N GLY C 307 7.07 -29.87 -1.08
CA GLY C 307 6.60 -30.96 -0.24
C GLY C 307 7.39 -32.26 -0.37
N GLN C 308 7.45 -32.79 -1.59
CA GLN C 308 8.17 -34.01 -1.84
C GLN C 308 9.48 -33.66 -2.50
N THR C 309 10.29 -33.07 -1.61
CA THR C 309 11.63 -32.61 -1.93
C THR C 309 12.58 -33.45 -1.06
N SER C 310 13.90 -33.21 -1.20
CA SER C 310 14.91 -33.94 -0.43
C SER C 310 16.10 -33.01 -0.11
N SER C 311 15.72 -31.73 -0.04
CA SER C 311 16.63 -30.64 0.23
C SER C 311 15.98 -29.78 1.30
N PRO C 312 15.72 -30.25 2.54
CA PRO C 312 15.06 -29.47 3.57
C PRO C 312 15.85 -28.22 3.94
N ASP C 313 15.21 -27.08 4.25
CA ASP C 313 15.99 -25.91 4.65
C ASP C 313 16.58 -26.26 6.02
N ILE C 314 15.74 -26.83 6.89
CA ILE C 314 16.14 -27.30 8.20
C ILE C 314 15.78 -28.79 8.11
N TYR C 315 16.70 -29.65 8.56
CA TYR C 315 16.51 -31.11 8.60
C TYR C 315 17.18 -31.66 9.85
N ASN C 316 16.33 -32.35 10.61
CA ASN C 316 16.73 -32.97 11.85
C ASN C 316 16.15 -34.38 11.88
N PRO C 317 17.01 -35.39 11.88
CA PRO C 317 16.60 -36.78 11.74
C PRO C 317 15.82 -37.28 12.93
N GLN C 318 15.88 -36.56 14.04
CA GLN C 318 15.20 -36.96 15.25
C GLN C 318 14.00 -36.05 15.49
N ALA C 319 13.83 -34.98 14.69
CA ALA C 319 12.71 -34.08 14.91
C ALA C 319 11.83 -33.85 13.70
N GLY C 320 12.40 -33.83 12.51
CA GLY C 320 11.65 -33.63 11.29
C GLY C 320 12.44 -32.87 10.25
N SER C 321 11.73 -31.94 9.61
CA SER C 321 12.29 -31.10 8.56
C SER C 321 11.30 -30.01 8.24
N VAL C 322 11.82 -28.93 7.66
CA VAL C 322 11.04 -27.74 7.29
C VAL C 322 11.71 -27.20 6.04
N THR C 323 10.89 -27.00 5.02
CA THR C 323 11.31 -26.47 3.74
C THR C 323 10.57 -25.16 3.56
N THR C 324 11.11 -24.20 2.80
CA THR C 324 10.42 -22.94 2.60
C THR C 324 10.66 -22.58 1.15
N ALA C 325 9.72 -21.82 0.61
CA ALA C 325 9.82 -21.39 -0.76
C ALA C 325 9.76 -19.89 -0.72
N THR C 326 10.88 -19.20 -0.73
CA THR C 326 10.83 -17.74 -0.72
C THR C 326 11.14 -17.28 -2.12
N SER C 327 11.02 -15.98 -2.39
CA SER C 327 11.32 -15.47 -3.72
C SER C 327 12.77 -15.65 -4.16
N LEU C 328 13.65 -15.89 -3.17
CA LEU C 328 15.06 -16.11 -3.40
C LEU C 328 15.25 -17.32 -4.32
N ASP C 329 14.62 -18.46 -3.96
CA ASP C 329 14.72 -19.67 -4.75
C ASP C 329 13.52 -19.91 -5.68
N PHE C 330 12.48 -19.09 -5.51
CA PHE C 330 11.31 -19.22 -6.34
C PHE C 330 10.89 -17.81 -6.69
N PRO C 331 11.55 -17.19 -7.65
CA PRO C 331 11.44 -15.78 -7.93
C PRO C 331 10.10 -15.28 -8.44
N ALA C 332 9.23 -16.13 -9.00
CA ALA C 332 7.92 -15.66 -9.46
C ALA C 332 7.11 -15.18 -8.28
N LEU C 333 7.50 -15.62 -7.09
CA LEU C 333 6.86 -15.24 -5.86
C LEU C 333 7.04 -13.77 -5.50
N SER C 334 7.93 -13.02 -6.16
CA SER C 334 8.08 -11.61 -5.86
C SER C 334 6.93 -10.81 -6.45
N TRP C 335 6.28 -11.44 -7.42
CA TRP C 335 5.12 -10.89 -8.10
C TRP C 335 3.90 -11.00 -7.20
N LEU C 336 3.93 -12.05 -6.38
CA LEU C 336 2.84 -12.30 -5.49
C LEU C 336 2.95 -11.68 -4.13
N ARG C 337 4.19 -11.56 -3.65
CA ARG C 337 4.50 -11.04 -2.33
C ARG C 337 3.88 -12.06 -1.36
N LEU C 338 3.93 -13.35 -1.73
CA LEU C 338 3.38 -14.43 -0.93
C LEU C 338 4.39 -15.53 -0.73
N SER C 339 4.28 -16.33 0.33
CA SER C 339 5.23 -17.38 0.57
C SER C 339 4.55 -18.64 1.06
N ALA C 340 5.35 -19.69 1.29
CA ALA C 340 4.85 -20.95 1.79
C ALA C 340 5.93 -21.80 2.41
N GLU C 341 5.55 -22.47 3.49
CA GLU C 341 6.42 -23.32 4.27
C GLU C 341 5.88 -24.73 4.35
N PHE C 342 6.68 -25.77 4.23
CA PHE C 342 6.19 -27.14 4.37
C PHE C 342 6.96 -27.75 5.52
N GLY C 343 6.28 -28.27 6.54
CA GLY C 343 7.01 -28.84 7.65
C GLY C 343 6.51 -30.21 7.99
N SER C 344 7.44 -31.11 8.30
CA SER C 344 7.15 -32.48 8.68
C SER C 344 7.74 -32.61 10.06
N LEU C 345 6.90 -32.89 11.06
CA LEU C 345 7.34 -33.01 12.44
C LEU C 345 7.06 -34.37 13.13
N ARG C 346 8.09 -35.12 13.59
CA ARG C 346 7.93 -36.41 14.26
C ARG C 346 7.13 -36.27 15.54
N LYS C 347 6.60 -37.40 16.03
CA LYS C 347 5.79 -37.43 17.23
C LYS C 347 6.61 -36.97 18.41
N ASN C 348 5.98 -35.97 19.05
CA ASN C 348 6.46 -35.24 20.23
C ASN C 348 7.64 -34.31 19.99
N ALA C 349 8.01 -34.12 18.70
CA ALA C 349 9.08 -33.21 18.34
C ALA C 349 8.46 -31.82 18.45
N MET C 350 9.16 -30.72 18.17
CA MET C 350 8.52 -29.42 18.33
C MET C 350 9.12 -28.31 17.51
N PHE C 351 8.40 -27.23 17.23
CA PHE C 351 9.05 -26.14 16.54
C PHE C 351 8.87 -25.04 17.56
N VAL C 352 10.05 -24.68 18.06
CA VAL C 352 10.24 -23.64 19.07
C VAL C 352 9.36 -22.42 18.94
N PRO C 353 9.00 -21.71 20.01
CA PRO C 353 8.25 -20.46 19.94
C PRO C 353 8.94 -19.56 18.94
N HIS C 354 8.19 -18.89 18.08
CA HIS C 354 8.80 -17.99 17.12
C HIS C 354 7.76 -17.02 16.60
N TYR C 355 8.23 -16.04 15.81
CA TYR C 355 7.28 -15.11 15.24
C TYR C 355 7.71 -14.67 13.86
N ASN C 356 6.75 -14.24 13.02
CA ASN C 356 7.09 -13.76 11.68
C ASN C 356 7.10 -12.25 11.82
N LEU C 357 8.29 -11.66 11.73
CA LEU C 357 8.44 -10.23 11.85
C LEU C 357 7.64 -9.41 10.85
N ASN C 358 7.60 -9.90 9.61
CA ASN C 358 6.94 -9.26 8.49
C ASN C 358 5.92 -10.10 7.70
N ALA C 359 5.11 -10.95 8.33
CA ALA C 359 4.16 -11.76 7.59
C ALA C 359 3.09 -12.42 8.42
N ASN C 360 1.97 -12.75 7.76
CA ASN C 360 0.82 -13.40 8.38
C ASN C 360 0.81 -14.83 7.85
N SER C 361 0.88 -15.75 8.81
CA SER C 361 0.89 -17.18 8.59
C SER C 361 -0.50 -17.79 8.64
N ILE C 362 -0.77 -18.68 7.69
CA ILE C 362 -2.02 -19.38 7.60
C ILE C 362 -1.59 -20.85 7.64
N ILE C 363 -1.54 -21.45 8.83
CA ILE C 363 -1.14 -22.85 8.96
C ILE C 363 -2.26 -23.80 8.64
N TYR C 364 -2.09 -24.62 7.59
CA TYR C 364 -3.09 -25.60 7.19
C TYR C 364 -2.46 -26.97 7.42
N ALA C 365 -2.98 -27.79 8.32
CA ALA C 365 -2.36 -29.08 8.56
C ALA C 365 -2.67 -30.12 7.49
N LEU C 366 -1.64 -30.63 6.84
CA LEU C 366 -1.86 -31.62 5.80
C LEU C 366 -2.05 -33.04 6.29
N ASN C 367 -1.45 -33.36 7.42
CA ASN C 367 -1.52 -34.70 7.97
C ASN C 367 -1.24 -34.74 9.45
N GLY C 368 -1.88 -35.70 10.08
CA GLY C 368 -1.70 -35.87 11.49
C GLY C 368 -2.30 -34.72 12.25
N ARG C 369 -1.82 -34.69 13.47
CA ARG C 369 -2.26 -33.72 14.44
C ARG C 369 -1.06 -33.24 15.22
N ALA C 370 -1.23 -32.06 15.82
CA ALA C 370 -0.19 -31.46 16.63
C ALA C 370 -0.85 -30.51 17.58
N LEU C 371 -0.35 -30.42 18.81
CA LEU C 371 -0.84 -29.51 19.83
C LEU C 371 -0.09 -28.17 19.63
N ILE C 372 -0.82 -27.06 19.37
CA ILE C 372 -0.23 -25.74 19.16
C ILE C 372 -0.62 -24.68 20.20
N GLN C 373 0.28 -23.70 20.43
CA GLN C 373 0.10 -22.61 21.36
C GLN C 373 0.51 -21.26 20.81
N VAL C 374 -0.42 -20.31 20.56
CA VAL C 374 -0.05 -18.99 20.09
C VAL C 374 -0.53 -17.99 21.12
N VAL C 375 0.43 -17.12 21.47
CA VAL C 375 0.25 -16.06 22.45
C VAL C 375 0.47 -14.69 21.84
N ASN C 376 -0.24 -13.69 22.34
CA ASN C 376 -0.16 -12.34 21.80
C ASN C 376 0.74 -11.30 22.46
N CYS C 377 0.56 -10.03 22.06
CA CYS C 377 1.33 -8.91 22.60
C CYS C 377 1.03 -8.66 24.07
N ASN C 378 -0.06 -9.22 24.58
CA ASN C 378 -0.41 -9.08 25.99
C ASN C 378 -0.09 -10.34 26.79
N GLY C 379 0.50 -11.34 26.15
CA GLY C 379 0.82 -12.58 26.85
C GLY C 379 -0.38 -13.50 27.00
N GLU C 380 -1.54 -13.15 26.45
CA GLU C 380 -2.71 -14.00 26.53
C GLU C 380 -2.52 -15.17 25.59
N ARG C 381 -2.84 -16.39 26.04
CA ARG C 381 -2.67 -17.53 25.17
C ARG C 381 -3.95 -17.64 24.37
N VAL C 382 -3.92 -16.96 23.21
CA VAL C 382 -5.07 -16.93 22.32
C VAL C 382 -5.44 -18.26 21.70
N PHE C 383 -4.56 -19.27 21.61
CA PHE C 383 -4.94 -20.60 21.11
C PHE C 383 -4.02 -21.57 21.78
N ASP C 384 -4.64 -22.56 22.42
CA ASP C 384 -3.91 -23.58 23.15
C ASP C 384 -4.72 -24.82 22.89
N GLY C 385 -4.53 -25.45 21.74
CA GLY C 385 -5.29 -26.64 21.43
C GLY C 385 -4.59 -27.52 20.41
N GLU C 386 -5.35 -28.23 19.56
CA GLU C 386 -4.71 -29.05 18.56
C GLU C 386 -5.27 -28.76 17.20
N LEU C 387 -4.35 -28.85 16.24
CA LEU C 387 -4.65 -28.62 14.85
C LEU C 387 -4.49 -29.92 14.08
N GLN C 388 -5.61 -30.29 13.43
CA GLN C 388 -5.65 -31.51 12.67
C GLN C 388 -5.70 -31.43 11.15
N GLU C 389 -5.70 -32.60 10.50
CA GLU C 389 -5.74 -32.73 9.06
C GLU C 389 -6.89 -31.93 8.54
N GLY C 390 -6.58 -31.23 7.46
CA GLY C 390 -7.56 -30.40 6.80
C GLY C 390 -8.11 -29.25 7.64
N ARG C 391 -7.37 -28.81 8.67
CA ARG C 391 -7.87 -27.70 9.44
C ARG C 391 -6.94 -26.51 9.35
N VAL C 392 -7.39 -25.31 9.72
CA VAL C 392 -6.51 -24.15 9.64
C VAL C 392 -6.47 -23.28 10.88
N LEU C 393 -5.26 -22.79 11.14
CA LEU C 393 -4.93 -21.90 12.23
C LEU C 393 -4.24 -20.71 11.58
N ILE C 394 -4.64 -19.51 11.99
CA ILE C 394 -4.04 -18.30 11.44
C ILE C 394 -3.24 -17.65 12.56
N VAL C 395 -1.96 -17.47 12.32
CA VAL C 395 -1.11 -16.84 13.31
C VAL C 395 -0.94 -15.46 12.71
N PRO C 396 -1.49 -14.38 13.28
CA PRO C 396 -1.21 -13.01 12.87
C PRO C 396 0.28 -12.68 12.93
N GLN C 397 0.68 -11.57 12.33
CA GLN C 397 2.05 -11.15 12.26
C GLN C 397 2.99 -11.30 13.44
N ASN C 398 3.08 -10.43 14.44
CA ASN C 398 4.07 -10.71 15.46
C ASN C 398 3.73 -11.64 16.59
N PHE C 399 2.54 -12.25 16.49
CA PHE C 399 2.07 -13.22 17.48
C PHE C 399 3.08 -14.39 17.49
N VAL C 400 3.33 -14.97 18.66
CA VAL C 400 4.28 -16.07 18.78
C VAL C 400 3.59 -17.43 18.74
N VAL C 401 4.11 -18.36 17.90
CA VAL C 401 3.59 -19.74 17.69
C VAL C 401 4.55 -20.82 18.15
N ALA C 402 4.01 -21.86 18.78
CA ALA C 402 4.80 -23.00 19.23
C ALA C 402 3.97 -24.23 18.94
N ALA C 403 4.63 -25.28 18.44
CA ALA C 403 3.94 -26.53 18.12
C ALA C 403 4.65 -27.79 18.55
N ARG C 404 3.94 -28.75 19.14
CA ARG C 404 4.51 -30.02 19.55
C ARG C 404 3.63 -30.97 18.79
N SER C 405 4.28 -31.85 18.04
CA SER C 405 3.61 -32.86 17.24
C SER C 405 2.99 -34.03 18.00
N GLN C 406 1.93 -34.60 17.45
CA GLN C 406 1.27 -35.74 18.07
C GLN C 406 1.18 -36.87 17.10
N SER C 407 1.93 -36.80 15.99
CA SER C 407 1.86 -37.84 14.98
C SER C 407 3.18 -38.08 14.27
N ASP C 408 3.27 -39.21 13.58
CA ASP C 408 4.48 -39.48 12.83
C ASP C 408 4.05 -39.50 11.37
N ASN C 409 4.03 -38.40 10.60
CA ASN C 409 4.40 -37.08 11.08
C ASN C 409 3.26 -36.09 11.01
N PHE C 410 3.55 -34.87 11.44
CA PHE C 410 2.59 -33.81 11.40
C PHE C 410 3.11 -32.96 10.27
N GLU C 411 2.39 -32.96 9.15
CA GLU C 411 2.80 -32.17 8.01
C GLU C 411 1.84 -30.99 7.84
N TYR C 412 2.38 -29.85 7.40
CA TYR C 412 1.59 -28.63 7.25
C TYR C 412 2.15 -27.70 6.20
N VAL C 413 1.33 -26.77 5.69
CA VAL C 413 1.80 -25.78 4.74
C VAL C 413 1.48 -24.48 5.39
N SER C 414 2.42 -23.58 5.59
CA SER C 414 2.08 -22.33 6.19
C SER C 414 2.23 -21.27 5.11
N PHE C 415 1.10 -20.76 4.64
CA PHE C 415 1.08 -19.73 3.62
C PHE C 415 1.35 -18.43 4.38
N LYS C 416 2.50 -17.81 4.14
CA LYS C 416 2.83 -16.57 4.82
C LYS C 416 2.54 -15.41 3.85
N THR C 417 2.27 -14.19 4.30
CA THR C 417 2.00 -13.10 3.39
C THR C 417 3.14 -12.11 3.25
N ASN C 418 4.20 -12.56 2.56
CA ASN C 418 5.42 -11.80 2.29
C ASN C 418 6.29 -12.76 1.50
N ASP C 419 6.86 -12.42 0.32
CA ASP C 419 7.69 -13.37 -0.40
C ASP C 419 9.03 -13.65 0.25
N THR C 420 9.45 -12.80 1.17
CA THR C 420 10.71 -12.98 1.89
C THR C 420 10.41 -12.86 3.38
N PRO C 421 9.73 -13.80 4.05
CA PRO C 421 9.31 -13.66 5.42
C PRO C 421 10.52 -13.82 6.32
N MET C 422 10.47 -13.27 7.52
CA MET C 422 11.57 -13.36 8.45
C MET C 422 11.00 -13.82 9.77
N ILE C 423 11.54 -14.95 10.21
CA ILE C 423 11.10 -15.55 11.46
C ILE C 423 12.14 -15.30 12.51
N GLY C 424 11.65 -15.02 13.71
CA GLY C 424 12.49 -14.75 14.85
C GLY C 424 12.24 -15.85 15.85
N THR C 425 13.25 -16.70 15.95
CA THR C 425 13.23 -17.82 16.87
C THR C 425 13.51 -17.36 18.28
N LEU C 426 12.69 -17.75 19.23
CA LEU C 426 12.86 -17.38 20.63
C LEU C 426 13.61 -18.40 21.47
N ALA C 427 13.96 -19.56 20.90
CA ALA C 427 14.68 -20.64 21.57
C ALA C 427 15.47 -21.51 20.59
N GLY C 428 16.73 -21.87 20.87
CA GLY C 428 17.48 -22.68 19.93
C GLY C 428 18.64 -21.90 19.33
N ALA C 429 19.57 -22.63 18.72
CA ALA C 429 20.77 -22.09 18.10
C ALA C 429 20.85 -20.63 17.67
N ASN C 430 19.91 -20.21 16.83
CA ASN C 430 19.95 -18.84 16.38
C ASN C 430 18.90 -17.96 17.01
N SER C 431 18.52 -18.18 18.27
CA SER C 431 17.48 -17.37 18.89
C SER C 431 17.75 -15.91 19.21
N LEU C 432 16.70 -15.24 19.64
CA LEU C 432 16.79 -13.84 19.99
C LEU C 432 17.35 -13.71 21.40
N LEU C 433 17.19 -14.79 22.17
CA LEU C 433 17.73 -14.82 23.51
C LEU C 433 19.22 -15.14 23.40
N ASN C 434 19.63 -15.92 22.39
CA ASN C 434 21.01 -16.30 22.16
C ASN C 434 21.92 -15.14 21.79
N ALA C 435 21.38 -14.23 20.98
CA ALA C 435 22.11 -13.05 20.54
C ALA C 435 22.10 -11.93 21.59
N LEU C 436 21.56 -12.23 22.78
CA LEU C 436 21.53 -11.25 23.85
C LEU C 436 22.80 -11.45 24.68
N PRO C 437 23.48 -10.34 25.04
CA PRO C 437 24.39 -10.26 26.17
C PRO C 437 23.95 -11.04 27.40
N GLU C 438 24.81 -11.96 27.87
CA GLU C 438 24.53 -12.80 29.02
C GLU C 438 24.09 -12.06 30.30
N GLU C 439 24.35 -10.76 30.30
CA GLU C 439 24.00 -9.91 31.39
C GLU C 439 22.58 -9.37 31.26
N VAL C 440 22.13 -8.96 30.06
CA VAL C 440 20.78 -8.43 29.94
C VAL C 440 19.71 -9.50 30.10
N ILE C 441 20.08 -10.74 29.73
CA ILE C 441 19.20 -11.90 29.86
C ILE C 441 19.03 -12.13 31.38
N GLN C 442 20.10 -11.84 32.16
CA GLN C 442 20.07 -11.98 33.60
C GLN C 442 19.09 -10.95 34.14
N HIS C 443 19.18 -9.68 33.77
CA HIS C 443 18.26 -8.70 34.34
C HIS C 443 16.84 -8.59 33.80
N THR C 444 16.57 -9.18 32.63
CA THR C 444 15.22 -9.11 32.11
C THR C 444 14.50 -10.34 32.59
N PHE C 445 15.18 -11.49 32.74
CA PHE C 445 14.50 -12.69 33.24
C PHE C 445 14.70 -12.92 34.72
N ASN C 446 15.63 -12.19 35.34
CA ASN C 446 15.99 -12.27 36.75
C ASN C 446 16.63 -13.65 36.96
N LEU C 447 17.83 -13.81 36.38
CA LEU C 447 18.59 -15.05 36.43
C LEU C 447 20.06 -14.88 36.85
N LYS C 448 20.61 -16.04 37.28
CA LYS C 448 22.00 -16.14 37.68
C LYS C 448 22.80 -16.33 36.42
N SER C 449 24.08 -15.95 36.52
CA SER C 449 25.00 -16.04 35.41
C SER C 449 25.17 -17.45 34.85
N GLN C 450 24.84 -18.43 35.69
CA GLN C 450 24.89 -19.84 35.32
C GLN C 450 23.63 -20.29 34.57
N GLN C 451 22.46 -19.79 35.06
CA GLN C 451 21.15 -20.09 34.48
C GLN C 451 21.09 -19.51 33.05
N ALA C 452 21.55 -18.25 32.90
CA ALA C 452 21.60 -17.55 31.63
C ALA C 452 22.42 -18.33 30.61
N ARG C 453 23.37 -19.14 31.08
CA ARG C 453 24.17 -19.93 30.17
C ARG C 453 23.40 -21.14 29.62
N GLN C 454 22.47 -21.64 30.45
CA GLN C 454 21.65 -22.77 30.05
C GLN C 454 20.63 -22.29 29.02
N ILE C 455 19.90 -21.19 29.32
CA ILE C 455 18.90 -20.62 28.41
C ILE C 455 19.55 -20.31 27.06
N LYS C 456 20.85 -19.94 27.08
CA LYS C 456 21.57 -19.65 25.87
C LYS C 456 22.33 -20.84 25.27
N ASN C 457 22.44 -22.04 25.87
CA ASN C 457 23.19 -23.14 25.23
C ASN C 457 22.57 -24.54 25.25
N ASN C 458 21.65 -24.80 26.19
CA ASN C 458 20.95 -26.07 26.35
C ASN C 458 20.25 -26.66 25.12
N ASN C 459 19.77 -25.81 24.19
CA ASN C 459 19.14 -26.33 22.98
C ASN C 459 20.09 -25.94 21.87
N PRO C 460 20.92 -26.85 21.38
CA PRO C 460 21.80 -26.62 20.23
C PRO C 460 21.18 -26.58 18.83
N PHE C 461 19.90 -26.96 18.77
CA PHE C 461 19.17 -27.04 17.52
C PHE C 461 18.48 -25.79 17.03
N LYS C 462 18.51 -25.68 15.71
CA LYS C 462 17.88 -24.57 15.02
C LYS C 462 16.50 -25.04 14.54
N PHE C 463 15.51 -24.18 14.86
CA PHE C 463 14.09 -24.30 14.58
C PHE C 463 13.41 -25.53 15.14
N LEU C 464 13.72 -26.74 14.64
CA LEU C 464 13.14 -27.98 15.08
C LEU C 464 13.83 -28.53 16.30
N VAL C 465 13.08 -28.90 17.36
CA VAL C 465 13.68 -29.48 18.56
C VAL C 465 13.16 -30.91 18.83
N PRO C 466 14.06 -31.91 18.97
CA PRO C 466 13.75 -33.32 19.14
C PRO C 466 12.95 -33.70 20.38
N PRO C 467 12.21 -34.82 20.41
CA PRO C 467 11.43 -35.29 21.55
C PRO C 467 12.27 -35.41 22.81
N GLN C 468 11.72 -34.99 23.96
CA GLN C 468 12.42 -35.04 25.24
C GLN C 468 13.06 -36.35 25.75
N GLU C 469 12.74 -37.48 25.09
CA GLU C 469 13.23 -38.83 25.42
C GLU C 469 12.70 -39.23 26.80
N SER C 470 11.39 -39.51 26.81
CA SER C 470 10.71 -39.90 28.05
C SER C 470 10.34 -41.37 28.17
#